data_3IYS
#
_entry.id   3IYS
#
_cell.length_a   1.000
_cell.length_b   1.000
_cell.length_c   1.000
_cell.angle_alpha   90.00
_cell.angle_beta   90.00
_cell.angle_gamma   90.00
#
_symmetry.space_group_name_H-M   'P 1'
#
_entity_poly.entity_id   1
_entity_poly.type   'polypeptide(L)'
_entity_poly.pdbx_seq_one_letter_code
;MSQKGKGSCPRPQQVPRLLVKGGIEVLDVKSGPDSITTIEAYLQPRPGQKNGYSTVITVQAEGYQDAPHSTEVPCYSCAR
IPLPTINDDITCPTLLMWEAVSVKTEVVGVSSILNMHSGAFRAFNGYGGGFTICGPRIHFFSVGGEPLDLQACMQNSKTV
YPAPLIGPGEGERRETAQVLDTGYKARLDKDGLYPIECWCPDPAKNENTRYYGNLTGGPETPPVLAFTNTTTTILLDENG
VGPLCKGDGLFLSAADVAGTYVDQRGRQYWRGLPRYFSIQLRKRNVRNPYPVSGLLNSLFNDLMPRMTGQSMQGSDAQVE
EVRVYEGMEGLAPEIDMPPKAPR
;
_entity_poly.pdbx_strand_id   A,B,C,D,E,F
#
# COMPACT_ATOMS: atom_id res chain seq x y z
CA GLY A 7 -33.49 -6.84 30.33
CA SER A 8 -29.96 -5.64 31.27
CA CYS A 9 -26.88 -4.08 29.62
CA PRO A 10 -24.46 -4.57 26.72
CA ARG A 11 -20.79 -3.81 27.44
CA PRO A 12 -18.75 -1.89 24.81
CA GLN A 13 -15.12 -2.94 24.37
CA GLN A 14 -12.74 -1.87 27.15
CA VAL A 15 -10.50 1.00 26.04
CA PRO A 16 -7.75 3.08 27.80
CA ARG A 17 -9.78 5.73 29.62
CA LEU A 18 -8.65 9.29 29.03
CA LEU A 19 -8.06 11.13 32.28
CA VAL A 20 -7.41 14.59 30.79
CA LYS A 21 -6.31 15.89 27.38
CA GLY A 22 -5.11 19.35 26.31
CA GLY A 23 -1.62 20.85 26.51
CA ILE A 24 1.57 20.46 28.57
CA GLU A 25 -0.28 21.51 31.76
CA VAL A 26 -2.14 18.13 31.73
CA LEU A 27 1.14 16.52 32.95
CA ASP A 28 0.69 18.29 36.31
CA VAL A 29 -2.20 15.96 37.25
CA LYS A 30 -0.92 13.13 39.47
CA SER A 31 -0.73 10.64 36.60
CA GLY A 32 -0.50 7.66 39.03
CA PRO A 33 2.21 5.10 37.98
CA ASP A 34 0.88 3.03 35.06
CA SER A 35 -0.51 6.12 33.36
CA ILE A 36 0.54 6.91 29.84
CA THR A 37 1.16 10.27 28.25
CA THR A 38 0.59 10.95 24.56
CA ILE A 39 2.33 14.08 23.30
CA GLU A 40 1.88 15.48 19.82
CA ALA A 41 4.31 18.14 18.70
CA TYR A 42 6.16 19.19 15.58
CA LEU A 43 9.41 20.76 14.46
CA GLN A 44 9.51 23.42 11.81
CA PRO A 45 12.34 22.65 9.36
CA ARG A 46 14.98 25.29 10.09
CA PRO A 47 17.38 24.85 7.17
CA GLY A 48 18.50 28.15 5.65
CA GLN A 49 16.45 31.31 6.35
CA LYS A 50 12.93 32.06 7.59
CA ASN A 51 10.09 30.24 5.83
CA GLY A 52 11.38 26.78 5.12
CA TYR A 53 13.96 27.21 2.36
CA SER A 54 17.62 27.94 1.89
CA THR A 55 18.57 31.38 0.53
CA VAL A 56 20.84 31.59 -2.52
CA ILE A 57 23.36 28.80 -2.97
CA THR A 58 26.64 30.54 -2.21
CA VAL A 59 28.91 28.60 -4.50
CA GLN A 60 32.69 28.72 -4.09
CA ALA A 61 35.56 30.35 -5.96
CA GLU A 62 37.73 27.26 -6.66
CA GLY A 63 39.48 24.29 -4.94
CA TYR A 64 41.12 27.26 -3.09
CA GLN A 65 37.93 29.00 -1.92
CA ASP A 66 34.67 27.62 -0.59
CA ALA A 67 32.49 30.33 1.03
CA PRO A 68 29.54 28.59 2.78
CA HIS A 69 27.06 31.43 3.56
CA SER A 70 25.09 30.47 6.65
CA THR A 71 21.74 30.79 4.84
CA GLU A 72 22.87 28.24 2.22
CA VAL A 73 23.38 25.77 5.09
CA PRO A 74 20.43 23.59 6.17
CA CYS A 75 20.94 22.69 9.85
CA TYR A 76 19.69 20.14 12.42
CA SER A 77 16.32 21.07 13.90
CA CYS A 78 15.63 19.81 17.45
CA ALA A 79 13.64 20.68 20.62
CA ARG A 80 13.22 19.66 24.27
CA ILE A 81 9.85 18.54 25.65
CA PRO A 82 10.26 19.38 29.39
CA LEU A 83 8.18 16.83 31.30
CA PRO A 84 7.43 16.96 35.08
CA THR A 85 9.35 15.42 37.97
CA ILE A 86 8.04 12.00 39.08
CA ASN A 87 10.07 11.11 42.17
CA ASP A 88 9.59 12.56 45.71
CA ASP A 89 10.26 9.61 48.04
CA ILE A 90 14.06 9.92 48.07
CA THR A 91 13.76 7.60 51.10
CA CYS A 92 13.77 4.57 48.80
CA PRO A 93 16.68 3.32 46.65
CA THR A 94 14.01 3.32 43.89
CA LEU A 95 13.40 6.44 41.81
CA LEU A 96 11.24 6.76 38.69
CA MET A 97 11.57 8.51 35.34
CA TRP A 98 9.87 9.11 31.99
CA GLU A 99 10.50 6.31 29.49
CA ALA A 100 9.69 6.92 25.82
CA VAL A 101 8.15 3.82 24.24
CA SER A 102 7.11 4.42 20.64
CA VAL A 103 6.24 7.32 18.34
CA LYS A 104 4.31 8.09 15.21
CA THR A 105 5.91 10.82 13.13
CA GLU A 106 5.10 12.22 9.71
CA VAL A 107 6.50 14.87 7.42
CA VAL A 108 3.64 16.99 6.18
CA GLY A 109 3.04 19.04 3.06
CA VAL A 110 4.43 16.85 0.24
CA SER A 111 1.33 18.31 -1.48
CA SER A 112 3.14 21.71 -1.32
CA ILE A 113 5.44 20.42 -4.12
CA LEU A 114 2.40 20.39 -6.47
CA ASN A 115 2.62 24.14 -7.10
CA MET A 116 6.36 24.59 -7.54
CA HIS A 117 8.56 26.70 -9.81
CA SER A 118 12.29 26.71 -10.78
CA GLY A 119 12.79 27.92 -14.15
CA ALA A 120 10.30 26.48 -16.62
CA PHE A 121 9.98 22.93 -18.04
CA ARG A 122 10.79 24.69 -21.26
CA ALA A 123 13.51 27.29 -20.85
CA PHE A 124 13.42 28.55 -24.48
CA ASN A 125 10.04 30.22 -24.89
CA GLY A 126 10.15 30.09 -21.06
CA TYR A 127 7.05 27.88 -20.82
CA GLY A 128 5.73 24.60 -19.36
CA GLY A 129 5.66 24.96 -15.58
CA GLY A 130 7.77 26.33 -12.79
CA PHE A 131 9.98 23.20 -12.55
CA THR A 132 9.17 21.64 -9.18
CA ILE A 133 11.51 20.55 -6.36
CA CYS A 134 13.97 17.93 -7.25
CA GLY A 135 17.44 16.72 -6.40
CA PRO A 136 19.11 15.23 -3.30
CA ARG A 137 16.84 14.75 -0.30
CA ILE A 138 17.46 13.61 3.29
CA HIS A 139 15.19 12.94 6.20
CA PHE A 140 16.35 11.72 9.60
CA PHE A 141 15.42 12.15 13.24
CA SER A 142 15.62 10.76 16.72
CA VAL A 143 14.02 10.68 20.16
CA GLY A 144 16.27 10.52 23.25
CA GLY A 145 16.58 10.90 27.01
CA GLU A 146 19.57 13.17 26.34
CA PRO A 147 20.57 15.36 23.31
CA LEU A 148 21.35 13.77 20.04
CA ASP A 149 24.95 12.54 20.41
CA LEU A 150 26.55 13.29 17.04
CA GLN A 151 29.86 13.55 15.14
CA ALA A 152 30.78 15.30 11.94
CA CYS A 153 32.59 14.56 8.73
CA MET A 154 32.91 16.80 5.66
CA GLN A 155 33.23 16.73 1.87
CA ASN A 156 35.93 19.43 1.98
CA SER A 157 38.17 19.63 5.05
CA LYS A 158 38.83 23.25 3.97
CA THR A 159 35.43 25.02 3.52
CA VAL A 160 35.36 28.55 5.02
CA TYR A 161 32.44 27.67 7.33
CA PRO A 162 32.60 29.61 10.67
CA ALA A 163 32.18 27.69 13.96
CA PRO A 164 32.62 24.25 12.07
CA LEU A 165 34.05 21.23 13.81
CA ILE A 166 36.39 24.04 14.92
CA GLY A 167 33.58 26.01 16.67
CA PRO A 168 33.69 22.94 19.03
CA GLY A 169 37.34 22.00 18.32
CA GLU A 170 39.24 25.35 17.89
CA GLY A 171 41.99 23.92 15.60
CA GLU A 172 40.83 23.89 11.99
CA ARG A 173 39.60 20.81 10.14
CA ARG A 174 42.10 18.07 9.36
CA GLU A 175 41.83 15.60 6.44
CA THR A 176 40.67 13.15 9.17
CA ALA A 177 37.58 15.41 9.43
CA GLN A 178 36.93 14.56 5.77
CA VAL A 179 36.33 11.04 7.16
CA LEU A 180 35.62 9.51 10.58
CA ASP A 181 37.52 11.94 12.80
CA THR A 182 36.92 10.55 16.33
CA GLY A 183 37.46 14.08 17.72
CA TYR A 184 34.80 15.87 15.66
CA LYS A 185 32.03 14.61 17.96
CA ALA A 186 29.43 17.17 19.04
CA ARG A 187 25.94 17.19 20.63
CA LEU A 188 22.72 18.61 19.22
CA ASP A 189 22.11 21.22 21.92
CA LYS A 190 21.66 24.39 19.84
CA ASP A 191 18.76 24.05 17.47
CA GLY A 192 18.95 25.24 13.84
CA LEU A 193 22.71 25.61 14.39
CA TYR A 194 24.59 22.37 13.66
CA PRO A 195 24.34 22.11 9.85
CA ILE A 196 23.45 18.64 8.55
CA GLU A 197 26.18 19.11 5.93
CA CYS A 198 28.66 18.78 8.82
CA TRP A 199 27.16 16.98 11.83
CA CYS A 200 25.99 13.33 11.76
CA PRO A 201 24.17 11.00 14.25
CA ASP A 202 27.35 9.55 15.73
CA PRO A 203 26.64 5.91 16.61
CA ALA A 204 28.41 6.27 19.96
CA LYS A 205 29.25 3.16 21.97
CA ASN A 206 26.18 4.03 24.08
CA GLU A 207 22.97 5.89 23.19
CA ASN A 208 19.69 6.77 24.88
CA THR A 209 18.22 8.09 21.62
CA ARG A 210 16.59 6.33 18.64
CA TYR A 211 17.74 7.98 15.34
CA TYR A 212 16.95 6.92 11.81
CA GLY A 213 16.70 8.52 8.34
CA ASN A 214 18.23 8.17 4.88
CA LEU A 215 19.96 10.06 2.12
CA THR A 216 18.93 10.08 -1.54
CA GLY A 217 21.59 11.91 -3.54
CA GLY A 218 21.18 13.24 -7.05
CA PRO A 219 20.62 16.37 -9.23
CA GLU A 220 17.04 15.81 -10.49
CA THR A 221 16.27 12.82 -8.22
CA PRO A 222 12.46 13.03 -7.75
CA PRO A 223 11.14 13.57 -4.16
CA VAL A 224 8.73 11.08 -2.54
CA LEU A 225 6.92 11.05 0.81
CA ALA A 226 4.74 8.84 3.00
CA PHE A 227 1.47 10.42 4.08
CA THR A 228 0.24 8.30 6.94
CA ASN A 229 -1.83 8.31 10.01
CA THR A 230 -1.44 4.55 10.51
CA THR A 231 1.77 2.89 11.80
CA THR A 232 3.63 3.72 15.03
CA THR A 233 7.35 3.14 15.63
CA ILE A 234 8.84 1.41 18.66
CA LEU A 235 11.55 3.33 20.44
CA LEU A 236 11.86 0.33 22.78
CA ASP A 237 15.40 -0.93 22.83
CA GLU A 238 16.68 -4.50 22.67
CA ASN A 239 16.02 -5.09 26.40
CA GLY A 240 12.51 -3.53 26.23
CA VAL A 241 13.44 -0.04 27.50
CA GLY A 242 13.49 2.61 24.77
CA PRO A 243 14.68 6.14 25.80
CA LEU A 244 14.48 7.46 29.36
CA CYS A 245 14.18 11.26 29.58
CA LYS A 246 17.11 11.63 32.02
CA GLY A 247 16.66 15.10 33.41
CA ASP A 248 12.91 14.83 32.54
CA GLY A 249 13.67 15.92 28.98
CA LEU A 250 12.23 14.48 25.81
CA PHE A 251 14.61 15.05 22.90
CA LEU A 252 13.05 15.35 19.47
CA SER A 253 15.36 16.01 16.52
CA ALA A 254 15.12 15.72 12.71
CA ALA A 255 15.77 17.21 9.26
CA ASP A 256 13.78 16.87 6.07
CA VAL A 257 15.44 18.26 2.97
CA ALA A 258 13.12 17.73 -0.02
CA GLY A 259 15.62 18.90 -2.68
CA THR A 260 16.17 22.23 -4.54
CA TYR A 261 13.79 24.78 -6.07
CA VAL A 262 15.60 26.54 -8.86
CA ASP A 263 15.94 30.29 -9.34
CA GLN A 264 17.45 32.84 -11.68
CA ARG A 265 21.20 32.36 -12.21
CA GLY A 266 20.91 28.65 -11.34
CA ARG A 267 20.13 29.58 -7.70
CA GLN A 268 19.00 26.37 -6.01
CA TYR A 269 17.55 27.09 -2.48
CA TRP A 270 16.43 23.66 -1.30
CA ARG A 271 13.15 23.25 0.57
CA GLY A 272 12.33 21.56 3.86
CA LEU A 273 9.13 20.30 5.47
CA PRO A 274 7.91 20.17 9.12
CA ARG A 275 7.50 17.01 11.18
CA TYR A 276 4.71 15.66 13.43
CA PHE A 277 5.54 13.64 16.57
CA SER A 278 3.25 11.52 18.76
CA ILE A 279 5.53 10.31 21.54
CA GLN A 280 3.98 7.57 23.65
CA LEU A 281 5.84 7.38 26.97
CA ARG A 282 5.18 5.70 30.30
CA LYS A 283 6.77 5.77 33.76
CA ARG A 284 9.53 3.30 34.66
CA ASN A 285 11.18 2.45 38.00
CA VAL A 286 14.93 2.53 38.62
CA ARG A 287 17.52 2.44 41.43
CA ASN A 288 18.77 5.48 43.36
CA PRO A 289 22.22 6.48 41.90
CA TYR A 290 23.23 8.83 44.79
CA PRO A 291 24.07 5.89 47.20
CA VAL A 292 27.37 5.87 45.27
CA SER A 293 28.93 7.95 48.06
CA GLY A 294 30.90 11.23 47.93
CA LEU A 295 34.52 10.49 46.92
CA LEU A 296 33.60 6.90 45.96
CA ASN A 297 32.17 8.09 42.63
CA SER A 298 32.70 11.88 42.32
CA LEU A 299 35.71 12.80 40.15
CA PHE A 300 36.32 9.10 39.76
CA ASN A 301 35.64 8.33 36.11
CA ASP A 302 36.88 9.65 32.75
CA LEU A 303 36.58 13.18 34.11
CA MET A 304 40.17 13.45 35.36
CA PRO A 305 41.65 15.86 32.77
CA ARG A 306 45.47 15.62 32.59
CA MET A 307 48.69 16.67 34.31
CA THR A 308 50.69 18.91 32.71
CA GLY A 309 52.58 19.04 36.04
CA GLN A 310 56.12 18.56 37.41
CA SER A 311 57.84 15.23 36.65
CA MET A 312 56.77 12.26 38.79
CA GLN A 313 58.59 9.74 36.61
CA GLY A 314 61.02 9.83 33.64
CA SER A 315 64.70 10.76 34.06
CA ASP A 316 63.88 13.81 36.26
CA ALA A 317 61.16 12.62 38.70
CA GLN A 318 61.01 14.56 41.98
CA VAL A 319 60.43 11.17 43.66
CA GLU A 320 63.44 10.61 45.93
CA GLU A 321 62.11 7.32 47.34
CA VAL A 322 59.34 4.74 47.67
CA ARG A 323 59.13 1.73 49.95
CA VAL A 324 56.47 -0.86 50.62
CA TYR A 325 55.96 -2.47 54.00
CA GLU A 326 53.57 -5.30 54.83
CA GLY A 327 55.30 -7.58 57.37
CA MET A 328 56.44 -7.17 60.97
CA GLU A 329 60.09 -8.17 61.43
CA GLY A 330 62.06 -7.59 64.65
CA LEU A 331 63.68 -4.11 64.57
CA ALA A 332 66.52 -4.89 62.17
CA PRO A 333 69.88 -3.35 63.25
CA GLU A 334 70.86 -0.83 60.53
CA ILE A 335 67.62 1.02 59.82
CA ASP A 336 69.06 2.60 56.66
CA MET A 337 68.73 -1.00 55.33
CA PRO A 338 68.01 -1.29 51.59
CA PRO A 339 66.00 -4.39 50.60
CA LYS A 340 63.89 -5.55 47.59
CA ALA A 341 62.70 -8.60 45.59
CA PRO A 342 65.26 -10.08 43.15
CA ARG A 343 64.20 -11.71 39.85
CA GLY B 7 -32.40 -35.44 2.48
CA SER B 8 -28.78 -35.07 3.45
CA CYS B 9 -27.12 -34.47 0.19
CA PRO B 10 -23.85 -33.22 1.79
CA ARG B 11 -24.29 -29.74 3.26
CA PRO B 12 -22.18 -27.06 1.49
CA GLN B 13 -19.84 -24.57 3.20
CA GLN B 14 -21.20 -21.96 5.61
CA VAL B 15 -20.89 -18.51 4.05
CA PRO B 16 -22.32 -15.26 5.56
CA ARG B 17 -25.89 -14.94 4.28
CA LEU B 18 -26.75 -11.85 2.23
CA LEU B 19 -30.09 -10.43 3.35
CA VAL B 20 -30.59 -8.16 0.35
CA LYS B 21 -28.40 -5.98 -1.88
CA GLY B 22 -28.92 -2.84 -3.99
CA GLY B 23 -28.54 0.86 -3.20
CA ILE B 24 -28.46 2.77 0.11
CA GLU B 25 -32.18 2.11 0.76
CA VAL B 26 -31.21 -1.55 1.41
CA LEU B 27 -29.80 0.02 4.62
CA ASP B 28 -33.32 1.16 5.62
CA VAL B 29 -34.26 -2.46 6.39
CA LYS B 30 -33.78 -3.31 10.07
CA SER B 31 -30.48 -5.20 9.95
CA GLY B 32 -30.12 -6.63 13.46
CA PRO B 33 -26.94 -6.32 15.62
CA ASP B 34 -24.14 -8.23 13.85
CA SER B 35 -25.65 -7.65 10.38
CA ILE B 36 -22.93 -6.18 8.16
CA THR B 37 -23.22 -3.70 5.34
CA THR B 38 -20.91 -3.46 2.31
CA ILE B 39 -20.95 -0.12 0.51
CA GLU B 40 -19.27 0.02 -2.87
CA ALA B 41 -19.00 3.62 -3.98
CA TYR B 42 -16.44 5.90 -5.59
CA LEU B 43 -15.30 9.49 -5.91
CA GLN B 44 -14.58 11.08 -9.24
CA PRO B 45 -11.20 12.91 -9.43
CA ARG B 46 -12.09 16.60 -9.20
CA PRO B 47 -9.02 18.74 -9.96
CA GLY B 48 -9.65 21.88 -12.05
CA GLN B 49 -12.23 21.57 -14.85
CA LYS B 50 -15.03 18.97 -14.76
CA ASN B 51 -14.26 15.75 -16.65
CA GLY B 52 -11.02 15.18 -14.85
CA TYR B 53 -8.23 17.51 -15.98
CA SER B 54 -6.40 20.58 -14.85
CA THR B 55 -7.58 23.16 -17.38
CA VAL B 56 -4.30 24.76 -18.49
CA ILE B 57 -1.34 25.78 -16.31
CA THR B 58 -1.61 29.41 -15.31
CA VAL B 59 1.99 30.39 -14.59
CA GLN B 60 2.99 33.45 -12.53
CA ALA B 61 4.13 36.89 -13.67
CA GLU B 62 7.33 36.64 -11.56
CA GLY B 63 8.41 36.29 -7.86
CA TYR B 64 6.08 39.26 -7.01
CA GLN B 65 2.83 37.98 -8.68
CA ASP B 66 1.70 34.39 -8.53
CA ALA B 67 -1.98 34.10 -9.52
CA PRO B 68 -2.96 30.47 -10.28
CA HIS B 69 -6.26 29.90 -12.10
CA SER B 70 -9.04 28.11 -10.22
CA THR B 71 -8.64 25.29 -12.76
CA GLU B 72 -4.85 25.09 -12.40
CA VAL B 73 -5.73 23.91 -8.89
CA PRO B 74 -6.31 20.19 -8.28
CA CYS B 75 -8.58 20.09 -5.22
CA TYR B 76 -9.37 17.36 -2.66
CA SER B 77 -12.20 15.11 -3.85
CA CYS B 78 -14.63 13.76 -1.21
CA ALA B 79 -18.19 12.90 -0.11
CA ARG B 80 -20.18 11.64 2.86
CA ILE B 81 -22.63 8.73 2.93
CA PRO B 82 -25.79 9.08 5.07
CA LEU B 83 -26.52 5.96 7.13
CA PRO B 84 -29.56 4.79 9.14
CA THR B 85 -29.83 5.40 12.88
CA ILE B 86 -29.41 2.43 15.22
CA ASN B 87 -30.73 1.78 18.75
CA ASP B 88 -30.37 3.13 22.24
CA ASP B 89 -30.72 1.89 25.79
CA ILE B 90 -30.82 5.04 27.94
CA THR B 91 -31.22 2.27 30.57
CA CYS B 92 -27.50 1.37 30.21
CA PRO B 93 -26.76 4.89 28.83
CA THR B 94 -25.29 3.10 25.81
CA LEU B 95 -25.85 3.33 22.06
CA LEU B 96 -24.58 1.54 18.98
CA MET B 97 -22.90 3.38 16.08
CA TRP B 98 -21.96 2.69 12.45
CA GLU B 99 -18.41 1.44 12.83
CA ALA B 100 -16.23 1.28 9.71
CA VAL B 101 -13.74 -1.60 9.79
CA SER B 102 -12.04 -2.38 6.49
CA VAL B 103 -11.99 -0.86 3.01
CA LYS B 104 -10.99 -2.17 -0.37
CA THR B 105 -10.09 0.77 -2.58
CA GLU B 106 -8.73 1.13 -6.10
CA VAL B 107 -8.01 3.86 -8.64
CA VAL B 108 -9.23 2.90 -12.09
CA GLY B 109 -8.19 3.87 -15.58
CA VAL B 110 -4.38 3.45 -15.47
CA SER B 111 -5.20 1.65 -18.77
CA SER B 112 -6.30 5.10 -20.06
CA ILE B 113 -2.65 6.28 -19.83
CA LEU B 114 -1.97 4.05 -22.89
CA ASN B 115 -3.69 6.31 -25.43
CA MET B 116 -2.45 9.45 -23.68
CA HIS B 117 -1.29 12.26 -25.95
CA SER B 118 1.17 15.12 -25.55
CA GLY B 119 3.68 16.88 -27.84
CA ALA B 120 5.15 14.25 -30.14
CA PHE B 121 8.05 12.00 -29.00
CA ARG B 122 10.15 13.33 -31.85
CA ALA B 123 9.36 17.07 -31.94
CA PHE B 124 11.66 17.58 -34.97
CA ASN B 125 9.65 15.89 -37.71
CA GLY B 126 6.72 15.98 -35.17
CA TYR B 127 6.57 12.16 -34.91
CA GLY B 128 6.64 9.35 -32.33
CA GLY B 129 3.66 9.15 -29.99
CA GLY B 130 1.44 11.60 -28.21
CA PHE B 131 3.68 11.71 -25.09
CA THR B 132 1.90 9.91 -22.25
CA ILE B 133 1.03 11.25 -18.79
CA CYS B 134 4.15 11.90 -16.81
CA GLY B 135 5.41 14.15 -14.04
CA PRO B 136 4.58 14.28 -10.31
CA ARG B 137 1.79 12.10 -8.90
CA ILE B 138 -0.08 12.10 -5.56
CA HIS B 139 -2.53 9.57 -4.22
CA PHE B 140 -3.95 10.04 -0.75
CA PHE B 141 -7.32 9.16 0.75
CA SER B 142 -9.07 8.74 4.08
CA VAL B 143 -12.12 7.12 5.65
CA GLY B 144 -13.75 8.59 8.77
CA GLY B 145 -16.78 8.91 10.99
CA GLU B 146 -16.51 12.69 10.51
CA PRO B 147 -14.81 15.03 7.96
CA LEU B 148 -11.07 15.08 7.53
CA ASP B 149 -9.12 17.40 9.85
CA LEU B 150 -6.50 19.07 7.66
CA GLN B 151 -3.59 21.49 8.00
CA ALA B 152 -2.21 23.69 5.29
CA CYS B 153 1.31 24.64 4.41
CA MET B 154 2.03 26.31 1.10
CA GLN B 155 5.14 26.94 -0.98
CA ASN B 156 4.74 30.76 -1.23
CA SER B 157 2.56 32.53 1.33
CA LYS B 158 2.48 35.33 -1.30
CA THR B 159 0.51 33.30 -3.91
CA VAL B 160 -2.57 35.15 -5.19
CA TYR B 161 -5.20 32.48 -4.52
CA PRO B 162 -8.58 32.91 -2.68
CA ALA B 163 -9.57 30.63 0.24
CA PRO B 164 -5.89 29.64 0.69
CA LEU B 165 -5.85 29.59 4.34
CA ILE B 166 -7.14 33.13 3.95
CA GLY B 167 -10.65 31.93 2.97
CA PRO B 168 -10.63 30.02 6.33
CA GLY B 169 -8.41 32.63 8.06
CA GLU B 170 -9.39 36.22 7.09
CA GLY B 171 -5.79 37.49 7.58
CA GLU B 172 -3.59 36.73 4.56
CA ARG B 173 -0.95 34.01 4.81
CA ARG B 174 2.40 34.57 6.53
CA GLU B 175 5.70 32.62 6.41
CA THR B 176 4.35 30.38 9.24
CA ALA B 177 1.65 29.05 6.89
CA GLN B 178 4.49 28.40 4.45
CA VAL B 179 5.83 25.74 6.89
CA LEU B 180 3.26 24.76 9.58
CA ASP B 181 0.75 27.27 10.73
CA THR B 182 -0.93 25.62 13.74
CA GLY B 183 -3.60 28.27 12.96
CA TYR B 184 -4.04 27.28 9.28
CA LYS B 185 -6.17 24.23 9.97
CA ALA B 186 -9.58 23.62 8.47
CA ARG B 187 -12.08 20.80 7.93
CA LEU B 188 -13.40 19.07 4.80
CA ASP B 189 -16.58 21.13 5.23
CA LYS B 190 -16.64 21.58 1.41
CA ASP B 191 -15.43 19.56 -1.60
CA GLY B 192 -13.48 20.03 -4.82
CA LEU B 193 -12.76 23.33 -3.07
CA TYR B 194 -9.69 22.88 -0.86
CA PRO B 195 -6.80 22.40 -3.29
CA ILE B 196 -4.23 19.73 -2.47
CA GLU B 197 -1.51 22.29 -3.22
CA CYS B 198 -2.39 23.87 0.13
CA TRP B 199 -4.46 21.66 2.48
CA CYS B 200 -2.98 18.39 3.85
CA PRO B 201 -4.13 15.58 6.20
CA ASP B 202 -3.27 17.24 9.51
CA PRO B 203 -2.10 14.60 12.01
CA ALA B 204 -4.36 16.21 14.61
CA LYS B 205 -3.44 14.83 18.04
CA ASN B 206 -6.88 13.18 17.62
CA GLU B 207 -8.50 11.59 14.55
CA ASN B 208 -11.44 9.33 13.67
CA THR B 209 -10.30 9.13 10.04
CA ARG B 210 -7.78 6.69 8.56
CA TYR B 211 -5.83 8.45 5.81
CA TYR B 212 -2.77 7.71 3.73
CA GLY B 213 -1.16 8.34 0.41
CA ASN B 214 2.17 9.63 -0.93
CA LEU B 215 3.94 12.24 -3.00
CA THR B 216 6.14 11.38 -5.96
CA GLY B 217 7.78 14.59 -7.16
CA GLY B 218 9.48 15.02 -10.50
CA PRO B 219 8.90 16.44 -14.03
CA GLU B 220 9.33 13.25 -16.15
CA THR B 221 8.54 10.72 -13.37
CA PRO B 222 6.60 7.74 -14.80
CA PRO B 223 3.12 6.93 -13.33
CA VAL B 224 2.51 3.62 -11.52
CA LEU B 225 -0.73 1.94 -10.41
CA ALA B 226 -2.04 -1.16 -8.63
CA PHE B 227 -4.94 -3.10 -10.13
CA THR B 228 -6.65 -5.34 -7.63
CA ASN B 229 -9.90 -6.50 -6.10
CA THR B 230 -7.88 -8.77 -3.76
CA THR B 231 -6.74 -6.54 -0.89
CA THR B 232 -8.80 -5.18 1.99
CA THR B 233 -7.41 -2.61 4.45
CA ILE B 234 -7.97 -2.21 8.16
CA LEU B 235 -9.69 1.03 8.98
CA LEU B 236 -9.55 -0.48 12.49
CA ASP B 237 -7.71 1.36 15.16
CA GLU B 238 -5.24 0.27 17.83
CA ASN B 239 -7.90 -0.85 20.36
CA GLY B 240 -9.68 -2.76 17.55
CA VAL B 241 -12.12 0.10 16.89
CA GLY B 242 -11.67 1.77 13.52
CA PRO B 243 -13.88 4.76 12.62
CA LEU B 244 -17.40 5.31 13.99
CA CYS B 245 -19.76 7.57 12.07
CA LYS B 246 -20.88 10.18 14.65
CA GLY B 247 -23.73 11.60 12.64
CA ASP B 248 -24.60 8.45 10.70
CA GLY B 249 -22.33 9.81 7.90
CA LEU B 250 -19.31 7.95 6.57
CA PHE B 251 -16.69 10.21 5.03
CA LEU B 252 -14.63 9.36 1.99
CA SER B 253 -11.79 11.60 0.90
CA ALA B 254 -9.02 11.11 -1.68
CA ALA B 255 -7.02 12.50 -4.61
CA ASP B 256 -5.18 10.85 -7.44
CA VAL B 257 -2.91 12.75 -9.81
CA ALA B 258 -1.08 10.66 -12.41
CA GLY B 259 0.87 13.74 -13.62
CA THR B 260 0.57 16.24 -16.52
CA TYR B 261 -0.49 15.89 -20.17
CA VAL B 262 1.06 18.33 -22.70
CA ASP B 263 -0.06 20.19 -25.90
CA GLN B 264 0.45 22.54 -28.67
CA ARG B 265 2.89 24.47 -26.49
CA GLY B 266 4.15 23.81 -22.90
CA ARG B 267 0.45 23.78 -21.79
CA GLN B 268 1.17 21.11 -19.14
CA TYR B 269 -2.27 20.37 -17.58
CA TRP B 270 -2.32 17.40 -15.20
CA ARG B 271 -4.79 14.53 -14.87
CA GLY B 272 -6.41 12.40 -12.18
CA LEU B 273 -8.31 9.13 -11.93
CA PRO B 274 -11.48 8.12 -9.97
CA ARG B 275 -11.22 5.97 -6.82
CA TYR B 276 -13.37 3.03 -5.64
CA PHE B 277 -14.40 2.25 -2.05
CA SER B 278 -15.73 -0.93 -0.44
CA ILE B 279 -16.40 -0.07 3.20
CA GLN B 280 -17.39 -2.88 5.51
CA LEU B 281 -18.93 -1.53 8.70
CA ARG B 282 -20.65 -3.20 11.64
CA LYS B 283 -22.85 -2.17 14.53
CA ARG B 284 -20.78 -1.40 17.64
CA ASN B 285 -22.14 -0.68 21.08
CA VAL B 286 -20.40 2.30 22.73
CA ARG B 287 -20.70 3.88 26.17
CA ASN B 288 -22.63 7.10 25.56
CA PRO B 289 -20.24 10.07 25.81
CA TYR B 290 -22.33 12.96 27.19
CA PRO B 291 -24.80 12.22 30.04
CA VAL B 292 -28.51 12.28 29.09
CA SER B 293 -29.75 14.57 31.91
CA GLY B 294 -27.10 17.11 30.81
CA LEU B 295 -28.53 17.26 27.22
CA LEU B 296 -32.17 16.91 28.29
CA ASN B 297 -31.90 19.65 30.91
CA SER B 298 -29.16 21.56 28.98
CA LEU B 299 -31.97 22.06 26.50
CA PHE B 300 -34.92 22.62 28.89
CA ASN B 301 -32.86 25.45 30.49
CA ASP B 302 -31.85 27.20 27.20
CA LEU B 303 -35.63 27.67 26.74
CA MET B 304 -36.01 30.08 29.68
CA PRO B 305 -36.44 33.82 28.86
CA ARG B 306 -33.09 35.46 28.08
CA MET B 307 -31.29 36.51 31.25
CA THR B 308 -28.57 39.13 31.48
CA GLY B 309 -29.18 41.88 34.07
CA GLN B 310 -26.52 42.65 36.68
CA SER B 311 -23.47 40.36 36.83
CA MET B 312 -23.53 37.46 39.29
CA GLN B 313 -20.42 35.99 37.69
CA GLY B 314 -17.69 37.19 35.30
CA SER B 315 -15.02 39.61 36.57
CA ASP B 316 -17.33 41.94 38.55
CA ALA B 317 -19.63 39.42 40.29
CA GLN B 318 -21.79 41.40 42.73
CA VAL B 319 -21.39 38.30 44.95
CA GLU B 320 -18.83 38.91 47.65
CA GLU B 321 -19.52 35.51 49.17
CA VAL B 322 -20.63 31.88 49.29
CA ARG B 323 -20.31 29.19 51.94
CA VAL B 324 -21.51 25.58 52.12
CA TYR B 325 -22.19 23.25 55.06
CA GLU B 326 -23.58 19.75 55.34
CA GLY B 327 -21.91 18.53 58.55
CA MET B 328 -21.96 19.78 62.14
CA GLU B 329 -18.53 20.06 63.70
CA GLY B 330 -18.30 21.33 67.30
CA LEU B 331 -17.98 25.15 67.59
CA ALA B 332 -14.61 25.96 66.01
CA PRO B 333 -12.18 28.53 67.53
CA GLU B 334 -11.65 31.38 65.02
CA ILE B 335 -15.13 31.79 63.53
CA ASP B 336 -13.79 33.73 60.52
CA MET B 337 -11.91 30.53 59.58
CA PRO B 338 -11.63 29.78 55.85
CA PRO B 339 -12.25 26.22 54.60
CA LYS B 340 -11.43 24.77 51.14
CA ALA B 341 -11.23 21.47 49.21
CA PRO B 342 -8.60 21.58 46.43
CA ARG B 343 -7.73 18.93 43.79
CA GLY C 7 8.32 -57.18 6.55
CA SER C 8 9.09 -53.52 7.35
CA CYS C 9 9.96 -51.63 4.16
CA PRO C 10 11.11 -47.97 3.96
CA ARG C 11 8.04 -45.75 3.45
CA PRO C 12 8.52 -43.02 0.77
CA GLN C 13 6.77 -39.70 1.49
CA GLN C 14 3.09 -39.76 0.53
CA VAL C 15 2.30 -37.58 -2.46
CA PRO C 16 -1.03 -36.80 -4.27
CA ARG C 17 -1.46 -39.90 -6.44
CA LEU C 18 -1.81 -38.92 -10.09
CA LEU C 19 -4.83 -40.48 -11.78
CA VAL C 20 -4.27 -39.34 -15.40
CA LYS C 21 -2.09 -36.83 -17.27
CA GLY C 22 -2.98 -35.64 -20.79
CA GLY C 23 -5.18 -33.06 -22.53
CA ILE C 24 -8.70 -31.73 -22.01
CA GLU C 25 -10.14 -35.23 -22.59
CA VAL C 26 -8.62 -36.33 -19.25
CA LEU C 27 -11.46 -34.24 -17.76
CA ASP C 28 -14.10 -36.67 -18.98
CA VAL C 29 -12.60 -39.28 -16.61
CA LYS C 30 -15.02 -39.77 -13.72
CA SER C 31 -13.03 -37.79 -11.16
CA GLY C 32 -14.64 -38.43 -7.74
CA PRO C 33 -15.26 -35.76 -5.02
CA ASP C 34 -11.84 -34.62 -3.75
CA SER C 35 -10.54 -35.08 -7.28
CA ILE C 36 -8.19 -32.28 -8.13
CA THR C 37 -7.53 -30.89 -11.58
CA THR C 38 -4.46 -29.05 -12.82
CA ILE C 39 -5.37 -27.30 -16.07
CA GLU C 40 -2.27 -25.70 -17.58
CA ALA C 41 -2.75 -23.36 -20.54
CA TYR C 42 -1.68 -19.89 -21.72
CA LEU C 43 -2.81 -17.18 -24.16
CA GLN C 44 -0.97 -15.42 -26.92
CA PRO C 45 -0.91 -11.66 -26.21
CA ARG C 46 -3.21 -10.10 -28.82
CA PRO C 47 -2.57 -6.33 -29.06
CA GLY C 48 -2.89 -4.92 -32.59
CA GLN C 49 -1.85 -7.25 -35.45
CA LYS C 50 -1.24 -10.96 -35.80
CA ASN C 51 1.89 -12.30 -34.05
CA GLY C 52 2.08 -9.85 -31.14
CA TYR C 53 2.94 -6.22 -31.85
CA SER C 54 0.97 -3.04 -32.40
CA THR C 55 0.78 -2.84 -36.19
CA VAL C 56 1.83 0.73 -36.87
CA ILE C 57 1.27 3.44 -34.27
CA THR C 58 -1.26 5.82 -35.76
CA VAL C 59 -0.97 9.29 -34.25
CA GLN C 60 -4.08 11.47 -34.45
CA ALA C 61 -4.36 14.75 -36.37
CA GLU C 62 -5.11 17.41 -33.74
CA GLY C 63 -7.34 17.99 -30.68
CA TYR C 64 -10.70 17.44 -32.41
CA GLN C 65 -9.35 14.56 -34.61
CA ASP C 66 -8.17 11.32 -33.02
CA ALA C 67 -8.66 8.25 -35.23
CA PRO C 68 -6.60 5.47 -33.55
CA HIS C 69 -7.14 2.69 -36.16
CA SER C 70 -7.85 -0.84 -34.91
CA THR C 71 -4.45 -2.56 -35.11
CA GLU C 72 -2.95 0.44 -33.26
CA VAL C 73 -4.91 -1.00 -30.31
CA PRO C 74 -3.65 -3.34 -27.61
CA CYS C 75 -6.89 -5.12 -26.67
CA TYR C 76 -7.70 -7.52 -23.81
CA SER C 77 -6.84 -11.20 -24.32
CA CYS C 78 -8.85 -14.05 -22.76
CA ALA C 79 -10.61 -17.39 -23.28
CA ARG C 80 -12.80 -19.93 -21.52
CA ILE C 81 -11.72 -23.39 -20.39
CA PRO C 82 -14.98 -25.41 -20.72
CA LEU C 83 -15.00 -27.91 -17.87
CA PRO C 84 -17.28 -31.02 -17.74
CA THR C 85 -20.64 -30.91 -15.92
CA ILE C 86 -20.32 -32.32 -12.40
CA ASN C 87 -23.87 -32.98 -11.20
CA ASP C 88 -27.42 -34.18 -11.77
CA ASP C 89 -28.96 -33.72 -8.30
CA ILE C 90 -31.44 -30.95 -9.41
CA THR C 91 -33.89 -33.11 -7.43
CA CYS C 92 -32.12 -32.22 -4.17
CA PRO C 93 -30.79 -28.66 -3.45
CA THR C 94 -27.07 -29.48 -3.00
CA LEU C 95 -25.02 -29.42 -6.17
CA LEU C 96 -21.29 -29.53 -6.81
CA MET C 97 -19.41 -27.40 -9.35
CA TRP C 98 -15.90 -26.50 -10.50
CA GLU C 99 -14.15 -24.11 -8.14
CA ALA C 100 -10.79 -22.51 -8.98
CA VAL C 101 -8.43 -22.24 -6.01
CA SER C 102 -4.84 -21.30 -6.79
CA VAL C 103 -3.06 -20.44 -10.02
CA LYS C 104 0.51 -20.00 -11.17
CA THR C 105 0.83 -17.51 -13.98
CA GLU C 106 3.95 -16.32 -15.77
CA VAL C 107 4.75 -14.18 -18.78
CA VAL C 108 7.43 -15.55 -21.07
CA GLY C 109 9.74 -14.33 -23.81
CA VAL C 110 11.12 -11.58 -21.55
CA SER C 111 14.36 -12.97 -23.03
CA SER C 112 13.33 -11.89 -26.59
CA ILE C 113 13.78 -8.29 -25.31
CA LEU C 114 17.53 -8.89 -25.74
CA ASN C 115 17.56 -8.90 -29.55
CA MET C 116 18.58 -5.53 -31.01
CA HIS C 117 16.24 -3.62 -33.34
CA SER C 118 14.66 -0.26 -34.18
CA GLY C 119 16.13 3.34 -33.98
CA ALA C 120 19.81 2.99 -33.09
CA PHE C 121 21.63 3.98 -29.87
CA ARG C 122 23.62 6.30 -32.13
CA ALA C 123 21.38 7.95 -34.74
CA PHE C 124 24.25 10.09 -36.12
CA ASN C 125 26.27 7.41 -37.88
CA GLY C 126 23.24 5.09 -37.53
CA TYR C 127 25.21 2.82 -35.16
CA GLY C 128 25.12 1.23 -31.70
CA GLY C 129 22.24 -1.17 -31.20
CA GLY C 130 18.73 -1.60 -32.38
CA PHE C 131 17.25 0.33 -29.45
CA THR C 132 15.22 -2.15 -27.42
CA ILE C 133 11.68 -1.94 -26.06
CA CYS C 134 10.98 0.74 -23.53
CA GLY C 135 8.08 3.01 -22.61
CA PRO C 136 4.82 2.34 -20.71
CA ARG C 137 4.21 -1.31 -19.84
CA ILE C 138 1.14 -3.03 -18.29
CA HIS C 139 0.32 -6.52 -17.18
CA PHE C 140 -2.96 -7.68 -15.66
CA PHE C 141 -4.91 -10.94 -15.60
CA SER C 142 -7.85 -12.64 -13.96
CA VAL C 143 -9.17 -16.10 -13.18
CA GLY C 144 -12.98 -16.19 -12.86
CA GLY C 145 -16.20 -18.17 -12.89
CA GLU C 146 -17.83 -15.90 -15.51
CA PRO C 147 -16.44 -13.30 -18.00
CA LEU C 148 -14.51 -10.46 -16.50
CA ASP C 149 -16.57 -7.32 -15.72
CA LEU C 150 -15.22 -4.15 -17.27
CA GLN C 151 -15.70 -0.43 -16.77
CA ALA C 152 -14.72 2.31 -19.10
CA CYS C 153 -12.84 5.45 -18.53
CA MET C 154 -10.81 7.04 -21.33
CA GLN C 155 -8.34 9.76 -22.15
CA ASN C 156 -10.33 11.70 -24.79
CA SER C 157 -14.07 11.68 -25.31
CA LYS C 158 -13.70 12.87 -28.83
CA THR C 159 -11.49 9.87 -29.78
CA VAL C 160 -12.97 8.16 -32.86
CA TYR C 161 -12.69 4.42 -32.39
CA PRO C 162 -15.55 2.12 -33.56
CA ALA C 163 -17.27 -0.28 -31.12
CA PRO C 164 -16.36 2.06 -28.16
CA LEU C 165 -18.44 2.48 -25.08
CA ILE C 166 -20.79 3.31 -27.94
CA GLY C 167 -20.59 -0.23 -29.51
CA PRO C 168 -22.12 -1.41 -26.11
CA GLY C 169 -23.84 1.96 -25.27
CA GLU C 170 -24.94 3.16 -28.78
CA GLY C 171 -24.78 6.85 -27.76
CA GLU C 172 -21.35 8.45 -28.20
CA ARG C 173 -18.86 9.08 -25.40
CA ARG C 174 -19.41 11.77 -22.74
CA GLU C 175 -17.05 13.61 -20.37
CA THR C 176 -18.24 11.20 -17.62
CA ALA C 177 -16.62 8.35 -19.56
CA GLN C 178 -13.46 10.49 -19.34
CA VAL C 179 -13.77 9.53 -15.65
CA LEU C 180 -16.07 7.11 -13.82
CA ASP C 181 -18.90 6.35 -16.17
CA THR C 182 -21.09 3.90 -14.18
CA GLY C 183 -23.01 3.38 -17.45
CA TYR C 184 -19.92 2.61 -19.55
CA LYS C 185 -19.61 -0.88 -18.09
CA ALA C 186 -19.23 -3.95 -20.28
CA ARG C 187 -18.34 -7.65 -20.12
CA LEU C 188 -15.54 -9.70 -21.62
CA ASP C 189 -18.02 -11.37 -23.94
CA LYS C 190 -15.63 -11.07 -26.92
CA ASP C 191 -11.79 -11.17 -27.05
CA GLY C 192 -8.83 -9.25 -28.43
CA LEU C 193 -11.59 -6.71 -29.06
CA TYR C 194 -11.86 -4.73 -25.80
CA PRO C 195 -8.89 -2.38 -26.20
CA ILE C 196 -7.17 -2.07 -22.85
CA GLU C 197 -6.93 1.62 -23.73
CA CYS C 198 -10.63 1.79 -22.75
CA TRP C 199 -11.76 -1.17 -20.74
CA CYS C 200 -10.83 -1.81 -17.13
CA PRO C 201 -11.49 -4.44 -14.43
CA ASP C 202 -14.53 -2.79 -12.84
CA PRO C 203 -14.59 -3.52 -9.09
CA ALA C 204 -18.30 -4.34 -9.55
CA LYS C 205 -19.24 -4.57 -5.87
CA ASN C 206 -19.94 -8.20 -6.94
CA GLU C 207 -17.23 -10.40 -8.48
CA ASN C 208 -16.38 -14.08 -8.96
CA THR C 209 -13.07 -13.32 -10.69
CA ARG C 210 -9.60 -12.44 -9.33
CA TYR C 211 -7.86 -9.77 -11.51
CA TYR C 212 -4.57 -8.06 -10.75
CA GLY C 213 -2.02 -6.02 -12.74
CA ASN C 214 -0.21 -2.69 -12.79
CA LEU C 215 0.40 0.32 -14.98
CA THR C 216 3.94 1.60 -15.51
CA GLY C 217 3.78 4.80 -17.54
CA GLY C 218 6.74 6.56 -19.07
CA PRO C 219 8.19 7.28 -22.56
CA GLU C 220 11.58 5.55 -22.07
CA THR C 221 10.77 3.33 -19.07
CA PRO C 222 12.83 0.10 -18.78
CA PRO C 223 10.84 -3.21 -18.87
CA VAL C 224 11.07 -5.66 -15.95
CA LEU C 225 9.72 -9.20 -15.33
CA ALA C 226 9.81 -12.31 -13.12
CA PHE C 227 10.84 -15.42 -15.08
CA THR C 228 9.83 -18.08 -12.52
CA ASN C 229 7.69 -21.12 -11.70
CA THR C 230 8.28 -21.12 -7.90
CA THR C 231 5.24 -19.68 -6.08
CA THR C 232 1.48 -19.91 -6.65
CA THR C 233 -1.34 -17.41 -6.09
CA ILE C 234 -4.59 -18.00 -4.23
CA LEU C 235 -7.80 -17.33 -6.10
CA LEU C 236 -9.51 -18.18 -2.78
CA ASP C 237 -11.95 -15.62 -1.54
CA GLU C 238 -12.46 -14.03 1.89
CA ASN C 239 -14.55 -17.01 3.10
CA GLY C 240 -12.15 -19.55 1.50
CA VAL C 241 -14.09 -20.02 -1.73
CA GLY C 242 -12.37 -18.75 -4.84
CA PRO C 243 -14.07 -18.69 -8.29
CA LEU C 244 -16.86 -21.16 -9.04
CA CYS C 245 -17.10 -21.80 -12.76
CA LYS C 246 -20.75 -20.80 -13.28
CA GLY C 247 -21.99 -22.46 -16.40
CA ASP C 248 -18.95 -24.77 -16.43
CA GLY C 249 -16.63 -22.06 -17.58
CA LEU C 250 -13.19 -21.21 -16.34
CA PHE C 251 -12.36 -17.69 -17.48
CA LEU C 252 -8.77 -16.74 -18.04
CA SER C 253 -8.01 -13.28 -19.15
CA ALA C 254 -4.93 -10.94 -19.14
CA ALA C 255 -2.72 -8.51 -21.12
CA ASP C 256 1.00 -7.88 -21.14
CA VAL C 257 2.34 -4.77 -22.82
CA ALA C 258 6.15 -4.57 -22.57
CA GLY C 259 6.33 -1.07 -24.13
CA THR C 260 6.80 -0.02 -27.80
CA TYR C 261 9.48 -1.05 -30.31
CA VAL C 262 10.46 2.02 -32.30
CA ASP C 263 11.46 1.91 -35.99
CA GLN C 264 11.07 3.33 -39.49
CA ARG C 265 10.74 6.99 -38.33
CA GLY C 266 9.16 7.85 -34.90
CA ARG C 267 6.69 4.93 -35.18
CA GLN C 268 6.70 2.93 -32.03
CA TYR C 269 4.42 -0.12 -31.73
CA TRP C 270 4.09 -2.05 -28.48
CA ARG C 271 5.02 -5.66 -27.98
CA GLY C 272 3.21 -8.07 -25.70
CA LEU C 273 4.24 -11.45 -24.33
CA PRO C 274 2.08 -14.59 -23.80
CA ARG C 275 0.99 -15.48 -20.30
CA TYR C 276 0.72 -19.02 -18.95
CA PHE C 277 -1.75 -20.32 -16.35
CA SER C 278 -1.74 -23.31 -13.99
CA ILE C 279 -5.23 -23.35 -12.45
CA GLN C 280 -5.88 -25.70 -9.55
CA LEU C 281 -9.59 -26.44 -9.21
CA ARG C 282 -11.55 -28.62 -6.81
CA LYS C 283 -15.12 -29.86 -6.67
CA ARG C 284 -17.35 -27.92 -4.27
CA ASN C 285 -20.87 -28.38 -2.95
CA VAL C 286 -23.25 -25.42 -3.06
CA ARG C 287 -26.98 -24.82 -2.77
CA ASN C 288 -28.80 -25.23 -6.11
CA PRO C 289 -28.94 -22.01 -8.18
CA TYR C 290 -31.39 -23.36 -10.82
CA PRO C 291 -35.12 -22.99 -10.07
CA VAL C 292 -36.86 -25.63 -12.25
CA SER C 293 -39.79 -23.29 -11.53
CA GLY C 294 -38.17 -20.71 -13.90
CA LEU C 295 -37.84 -23.49 -16.55
CA LEU C 296 -41.48 -24.54 -16.19
CA ASN C 297 -42.59 -20.89 -15.61
CA SER C 298 -40.89 -19.99 -18.90
CA LEU C 299 -43.77 -22.13 -20.20
CA PHE C 300 -46.14 -20.04 -18.03
CA ASN C 301 -45.53 -16.75 -19.87
CA ASP C 302 -46.41 -18.74 -23.02
CA LEU C 303 -49.90 -19.27 -21.58
CA MET C 304 -50.05 -15.53 -22.35
CA PRO C 305 -48.33 -13.19 -24.88
CA ARG C 306 -45.84 -10.34 -24.29
CA MET C 307 -46.84 -7.61 -21.81
CA THR C 308 -47.80 -4.35 -23.50
CA GLY C 309 -48.60 -1.25 -21.42
CA GLN C 310 -47.39 1.36 -18.92
CA SER C 311 -44.23 1.04 -16.82
CA MET C 312 -44.38 -0.86 -13.53
CA GLN C 313 -40.58 -0.73 -13.47
CA GLY C 314 -38.00 1.67 -14.94
CA SER C 315 -37.60 5.40 -14.22
CA ASP C 316 -41.33 5.96 -14.67
CA ALA C 317 -42.56 3.04 -12.52
CA GLN C 318 -46.14 4.09 -11.86
CA VAL C 319 -45.72 2.00 -8.73
CA GLU C 320 -45.93 4.83 -6.23
CA GLU C 321 -44.98 2.45 -3.40
CA VAL C 322 -44.51 -1.09 -2.05
CA ARG C 323 -44.18 -2.35 1.52
CA VAL C 324 -43.97 -5.88 2.91
CA TYR C 325 -45.18 -7.10 6.31
CA GLU C 326 -44.56 -10.52 7.80
CA GLY C 327 -44.39 -10.25 11.59
CA MET C 328 -46.41 -8.41 14.24
CA GLU C 329 -45.12 -5.55 16.36
CA GLY C 330 -46.90 -3.40 18.95
CA LEU C 331 -48.39 -0.22 17.43
CA ALA C 332 -45.46 2.13 16.89
CA PRO C 333 -46.01 5.95 16.84
CA GLU C 334 -45.15 7.41 13.40
CA ILE C 335 -44.12 4.10 11.80
CA ASP C 336 -42.82 6.01 8.73
CA MET C 337 -40.03 7.33 10.90
CA PRO C 338 -37.19 9.19 9.09
CA PRO C 339 -34.56 6.55 9.95
CA LYS C 340 -32.05 9.05 8.53
CA ALA C 341 -30.83 11.76 10.93
CA PRO C 342 -30.71 14.71 8.41
CA ARG C 343 -34.40 14.19 7.54
CA GLY D 7 30.61 -34.71 32.62
CA SER D 8 33.05 -32.32 34.34
CA CYS D 9 34.15 -30.93 30.95
CA PRO D 10 31.29 -28.86 29.46
CA ARG D 11 30.30 -30.40 26.13
CA PRO D 12 29.81 -27.69 23.47
CA GLN D 13 27.00 -27.52 20.91
CA GLN D 14 26.33 -30.41 18.54
CA VAL D 15 26.47 -29.75 14.82
CA PRO D 16 26.45 -31.96 11.65
CA ARG D 17 29.58 -34.12 11.74
CA LEU D 18 31.56 -33.72 8.53
CA LEU D 19 32.86 -37.01 7.23
CA VAL D 20 35.05 -35.89 4.33
CA LYS D 21 35.86 -32.65 2.52
CA GLY D 22 37.29 -32.80 -1.03
CA GLY D 23 35.68 -33.04 -4.49
CA ILE D 24 33.46 -35.37 -6.56
CA GLU D 25 35.64 -38.33 -5.49
CA VAL D 26 34.43 -37.73 -1.89
CA LEU D 27 30.93 -38.86 -2.99
CA ASP D 28 31.94 -42.51 -3.27
CA VAL D 29 32.55 -43.21 0.45
CA LYS D 30 29.38 -45.01 1.59
CA SER D 31 27.32 -42.04 2.77
CA GLY D 32 24.52 -43.87 4.63
CA PRO D 33 20.80 -42.92 4.38
CA ASP D 34 20.70 -39.41 5.88
CA SER D 35 24.20 -38.46 4.75
CA ILE D 36 23.88 -34.96 3.43
CA THR D 37 26.04 -33.98 0.49
CA THR D 38 27.00 -30.38 -0.20
CA ILE D 39 28.46 -29.51 -3.59
CA GLU D 40 30.00 -26.15 -4.41
CA ALA D 41 30.54 -25.35 -8.08
CA TYR D 42 29.98 -22.60 -10.60
CA LEU D 43 29.36 -21.73 -14.24
CA GLN D 44 31.50 -19.44 -16.34
CA PRO D 45 29.15 -16.99 -18.11
CA ARG D 46 29.43 -18.22 -21.70
CA PRO D 47 27.79 -15.56 -23.91
CA GLY D 48 29.75 -14.54 -27.01
CA GLN D 49 33.47 -15.41 -27.00
CA LYS D 50 35.80 -17.35 -24.68
CA ASN D 51 36.57 -14.19 -22.67
CA GLY D 52 33.17 -13.40 -21.08
CA TYR D 53 31.83 -10.73 -23.43
CA SER D 54 29.75 -10.59 -26.56
CA THR D 55 32.11 -10.12 -29.50
CA VAL D 56 30.60 -7.03 -31.08
CA ILE D 57 26.92 -6.26 -31.56
CA THR D 58 26.53 -7.04 -35.26
CA VAL D 59 23.56 -5.00 -36.52
CA GLN D 60 21.32 -5.63 -39.58
CA ALA D 61 20.58 -4.46 -43.10
CA GLU D 62 16.93 -3.63 -42.16
CA GLY D 63 13.60 -5.53 -42.07
CA TYR D 64 14.30 -7.96 -44.96
CA GLN D 65 17.71 -8.76 -43.37
CA ASP D 66 19.02 -9.41 -39.87
CA ALA D 67 22.03 -11.76 -39.61
CA PRO D 68 22.96 -11.98 -35.89
CA HIS D 69 26.45 -13.63 -36.00
CA SER D 70 27.17 -16.51 -33.57
CA THR D 71 29.21 -14.45 -31.09
CA GLU D 72 26.73 -11.54 -30.90
CA VAL D 73 24.57 -14.04 -29.01
CA PRO D 74 24.69 -14.62 -25.27
CA CYS D 75 23.71 -18.27 -24.85
CA TYR D 76 22.35 -20.31 -21.93
CA SER D 77 25.07 -21.75 -19.69
CA CYS D 78 24.85 -25.12 -17.88
CA ALA D 79 26.48 -28.36 -16.72
CA ARG D 80 25.63 -31.71 -15.09
CA ILE D 81 27.05 -33.01 -11.81
CA PRO D 82 27.45 -36.82 -12.03
CA LEU D 83 26.35 -38.40 -8.74
CA PRO D 84 26.73 -42.10 -7.74
CA THR D 85 23.94 -44.71 -7.83
CA ILE D 86 22.51 -45.50 -4.39
CA ASN D 87 20.69 -48.45 -2.69
CA ASP D 88 17.51 -50.25 -3.59
CA ASP D 89 15.13 -52.83 -2.15
CA ILE D 90 13.23 -54.49 -5.00
CA THR D 91 11.62 -56.43 -2.11
CA CYS D 92 9.60 -53.26 -1.50
CA PRO D 93 9.97 -51.91 -5.10
CA THR D 94 11.77 -49.05 -3.32
CA LEU D 95 14.54 -46.94 -4.72
CA LEU D 96 16.86 -44.34 -3.22
CA MET D 97 17.72 -41.32 -5.38
CA TRP D 98 19.46 -37.96 -5.07
CA GLU D 99 17.11 -35.18 -4.05
CA ALA D 100 18.20 -31.53 -4.38
CA VAL D 101 16.82 -29.52 -1.46
CA SER D 102 18.30 -26.04 -1.16
CA VAL D 103 21.02 -24.08 -2.96
CA LYS D 104 23.06 -21.02 -2.17
CA THR D 105 23.84 -19.34 -5.44
CA GLU D 106 25.63 -16.04 -5.90
CA VAL D 107 27.03 -14.14 -8.84
CA VAL D 108 30.47 -12.69 -8.26
CA GLY D 109 32.43 -10.00 -10.07
CA VAL D 110 29.96 -7.19 -9.27
CA SER D 111 33.13 -5.28 -8.29
CA SER D 112 34.50 -5.81 -11.85
CA ILE D 113 32.03 -3.11 -13.00
CA LEU D 114 34.12 -0.46 -11.16
CA ASN D 115 37.10 -0.24 -13.54
CA MET D 116 35.53 -0.14 -16.93
CA HIS D 117 36.12 1.73 -20.20
CA SER D 118 33.64 2.81 -22.86
CA GLY D 119 33.48 5.92 -24.84
CA ALA D 120 34.02 8.44 -22.02
CA PHE D 121 31.59 10.54 -19.93
CA ARG D 122 32.66 13.57 -21.94
CA ALA D 123 33.14 12.41 -25.53
CA PHE D 124 33.58 15.99 -26.85
CA ASN D 125 36.91 16.52 -25.36
CA GLY D 126 37.46 12.64 -25.10
CA TYR D 127 37.56 13.14 -21.31
CA GLY D 128 35.96 11.79 -18.13
CA GLY D 129 35.58 8.05 -17.55
CA GLY D 130 35.45 4.99 -19.77
CA PHE D 131 31.66 4.61 -19.32
CA THR D 132 31.01 1.48 -17.28
CA ILE D 133 28.45 -1.21 -18.21
CA CYS D 134 24.81 -0.27 -18.48
CA GLY D 135 21.75 -1.38 -20.42
CA PRO D 136 19.46 -4.44 -20.12
CA ARG D 137 20.47 -7.08 -17.58
CA ILE D 138 19.16 -10.67 -17.19
CA HIS D 139 19.78 -13.18 -14.46
CA PHE D 140 18.01 -16.51 -14.49
CA PHE D 141 19.15 -19.92 -13.27
CA SER D 142 17.70 -23.30 -12.43
CA VAL D 143 18.56 -26.40 -10.41
CA GLY D 144 16.98 -29.51 -11.92
CA GLY D 145 17.27 -33.26 -11.62
CA GLU D 146 17.00 -33.54 -15.42
CA PRO D 147 17.70 -31.07 -18.31
CA LEU D 148 15.76 -27.82 -18.28
CA ASP D 149 12.59 -27.80 -20.41
CA LEU D 150 12.37 -24.56 -22.39
CA GLN D 151 10.10 -22.92 -24.95
CA ALA D 152 11.22 -20.45 -27.53
CA CYS D 153 9.75 -17.15 -28.42
CA MET D 154 11.68 -14.50 -30.30
CA GLN D 155 11.11 -10.94 -31.52
CA ASN D 156 11.24 -10.79 -35.37
CA SER D 157 10.67 -14.31 -36.72
CA LYS D 158 12.80 -13.67 -39.82
CA THR D 159 16.11 -13.17 -37.92
CA VAL D 160 18.52 -15.12 -40.16
CA TYR D 161 20.27 -17.07 -37.41
CA PRO D 162 20.17 -20.63 -35.94
CA ALA D 163 18.50 -18.94 -32.88
CA PRO D 164 15.38 -20.40 -34.44
CA LEU D 165 14.00 -23.16 -33.37
CA ILE D 166 14.80 -24.25 -36.95
CA GLY D 167 17.77 -26.16 -35.41
CA PRO D 168 15.10 -28.17 -33.44
CA GLY D 169 11.86 -27.74 -35.47
CA GLU D 170 13.04 -28.96 -38.91
CA GLY D 171 11.31 -25.88 -40.43
CA GLU D 172 11.64 -22.10 -40.56
CA ARG D 173 10.11 -19.86 -37.89
CA ARG D 174 6.52 -18.62 -38.03
CA GLU D 175 4.67 -15.62 -36.52
CA THR D 176 3.44 -18.14 -33.89
CA ALA D 177 7.09 -18.54 -32.66
CA GLN D 178 7.23 -14.78 -32.45
CA VAL D 179 4.58 -14.97 -29.67
CA LEU D 180 4.63 -18.60 -28.31
CA ASP D 181 4.85 -21.65 -30.48
CA THR D 182 4.01 -24.72 -28.42
CA GLY D 183 6.05 -26.63 -31.05
CA TYR D 184 9.11 -24.41 -30.45
CA LYS D 185 10.06 -26.29 -27.28
CA ALA D 186 13.33 -28.13 -26.56
CA ARG D 187 15.88 -29.20 -23.92
CA LEU D 188 19.22 -28.04 -22.66
CA ASP D 189 21.38 -31.02 -23.66
CA LYS D 190 24.10 -28.80 -25.28
CA ASP D 191 25.04 -25.45 -23.58
CA GLY D 192 26.75 -22.25 -24.72
CA LEU D 193 24.65 -22.98 -27.82
CA TYR D 194 21.09 -22.15 -26.76
CA PRO D 195 20.96 -18.35 -27.19
CA ILE D 196 19.00 -16.57 -24.46
CA GLU D 197 17.46 -14.31 -27.10
CA CYS D 198 15.29 -17.30 -28.13
CA TRP D 199 14.85 -19.98 -25.43
CA CYS D 200 13.18 -19.38 -22.10
CA PRO D 201 12.31 -21.70 -19.17
CA ASP D 202 9.05 -23.23 -20.36
CA PRO D 203 6.61 -23.83 -17.48
CA ALA D 204 6.11 -27.36 -18.82
CA LYS D 205 2.91 -28.97 -17.53
CA ASN D 206 5.28 -30.94 -15.25
CA GLU D 207 8.81 -29.95 -14.12
CA ASN D 208 11.66 -31.31 -11.96
CA THR D 209 13.65 -28.06 -12.10
CA ARG D 210 13.53 -24.83 -10.08
CA TYR D 211 14.13 -21.82 -12.40
CA TYR D 212 14.03 -18.17 -11.40
CA GLY D 213 15.25 -14.99 -13.08
CA ASN D 214 14.21 -11.48 -14.07
CA LEU D 215 14.67 -9.19 -17.03
CA THR D 216 15.53 -5.52 -16.56
CA GLY D 217 15.38 -3.99 -20.02
CA GLY D 218 16.55 -0.55 -21.05
CA PRO D 219 19.46 1.07 -22.98
CA GLU D 220 21.24 2.87 -20.10
CA THR D 221 19.64 0.90 -17.25
CA PRO D 222 22.09 0.82 -14.30
CA PRO D 223 23.37 -2.62 -13.14
CA VAL D 224 22.68 -3.88 -9.59
CA LEU D 225 23.66 -7.11 -7.81
CA ALA D 226 23.40 -9.15 -4.61
CA PHE D 227 26.66 -9.92 -2.80
CA THR D 228 25.95 -12.52 -0.16
CA ASN D 229 27.07 -15.70 1.48
CA THR D 230 24.30 -15.41 4.09
CA THR D 231 21.09 -16.76 2.49
CA THR D 232 19.95 -20.05 0.98
CA THR D 233 17.09 -20.94 -1.39
CA ILE D 234 14.84 -24.00 -1.26
CA LEU D 235 14.52 -26.19 -4.33
CA LEU D 236 11.86 -28.14 -2.35
CA ASP D 237 8.67 -28.75 -4.26
CA GLU D 238 5.05 -28.26 -3.14
CA ASN D 239 5.25 -31.42 -0.96
CA GLY D 240 8.90 -30.99 0.06
CA VAL D 241 10.70 -33.07 -2.62
CA GLY D 242 12.59 -30.53 -4.73
CA PRO D 243 14.37 -32.06 -7.74
CA LEU D 244 15.41 -35.70 -7.86
CA CYS D 245 18.19 -36.74 -10.23
CA LYS D 246 16.70 -38.75 -13.12
CA GLY D 247 19.89 -40.59 -14.01
CA ASP D 248 22.46 -39.95 -11.27
CA GLY D 249 22.79 -36.37 -12.59
CA LEU D 250 22.07 -32.98 -11.09
CA PHE D 251 21.66 -30.07 -13.51
CA LEU D 252 22.64 -26.45 -13.20
CA SER D 253 21.61 -23.74 -15.54
CA ALA D 254 21.75 -19.91 -15.75
CA ALA D 255 22.90 -16.74 -17.56
CA ASP D 256 23.90 -13.37 -16.17
CA VAL D 257 23.96 -10.40 -18.48
CA ALA D 258 25.12 -7.31 -16.58
CA GLY D 259 24.49 -5.22 -19.72
CA THR D 260 27.07 -4.09 -22.30
CA TYR D 261 30.33 -2.18 -22.56
CA VAL D 262 30.51 0.31 -25.43
CA ASP D 263 33.74 0.25 -27.41
CA GLN D 264 33.01 2.96 -29.90
CA ARG D 265 31.72 3.54 -32.68
CA GLY D 266 28.36 2.13 -31.36
CA ARG D 267 30.39 -1.19 -30.78
CA GLN D 268 28.32 -2.67 -27.95
CA TYR D 269 29.08 -6.27 -26.81
CA TRP D 270 27.45 -7.39 -23.51
CA ARG D 271 29.22 -8.66 -20.43
CA GLY D 272 28.43 -11.63 -18.27
CA LEU D 273 29.32 -12.85 -14.81
CA PRO D 274 30.03 -16.31 -13.30
CA ARG D 275 27.64 -17.92 -10.84
CA TYR D 276 28.32 -20.03 -7.70
CA PHE D 277 26.21 -22.97 -6.48
CA SER D 278 26.19 -24.71 -3.11
CA ILE D 279 23.64 -27.47 -3.68
CA GLN D 280 22.50 -29.37 -0.61
CA LEU D 281 21.04 -32.76 -1.57
CA ARG D 282 19.91 -35.86 0.33
CA LYS D 283 19.25 -39.59 -0.15
CA ARG D 284 15.46 -39.95 -0.50
CA ASN D 285 13.40 -43.12 -0.89
CA VAL D 286 10.96 -43.41 -3.78
CA ARG D 287 8.68 -46.10 -5.14
CA ASN D 288 9.76 -47.82 -8.34
CA PRO D 289 7.05 -46.38 -10.65
CA TYR D 290 7.92 -49.12 -13.16
CA PRO D 291 7.67 -52.89 -13.80
CA VAL D 292 10.92 -54.94 -13.63
CA SER D 293 10.12 -57.12 -16.70
CA GLY D 294 9.46 -54.19 -19.04
CA LEU D 295 12.30 -51.94 -17.80
CA LEU D 296 14.66 -54.93 -18.31
CA ASN D 297 13.16 -55.34 -21.80
CA SER D 298 13.78 -51.62 -22.52
CA LEU D 299 17.39 -52.00 -21.33
CA PHE D 300 17.88 -55.02 -23.59
CA ASN D 301 16.29 -53.10 -26.49
CA ASP D 302 18.23 -49.85 -25.82
CA LEU D 303 21.41 -51.93 -25.54
CA MET D 304 20.69 -53.96 -28.71
CA PRO D 305 21.14 -52.22 -32.10
CA ARG D 306 18.19 -51.73 -34.47
CA MET D 307 18.04 -54.46 -37.14
CA THR D 308 16.41 -54.70 -40.59
CA GLY D 309 16.50 -57.52 -41.44
CA GLN D 310 14.65 -59.43 -44.17
CA SER D 311 10.89 -59.21 -43.58
CA MET D 312 10.12 -61.56 -40.69
CA GLN D 313 6.61 -60.11 -40.56
CA GLY D 314 4.53 -57.64 -42.60
CA SER D 315 3.27 -58.67 -46.05
CA ASP D 316 6.30 -60.67 -47.23
CA ALA D 317 7.15 -62.46 -43.95
CA GLN D 318 9.85 -64.92 -45.02
CA VAL D 319 8.27 -66.81 -42.11
CA GLU D 320 6.23 -69.60 -43.63
CA GLU D 321 4.78 -71.24 -40.51
CA VAL D 322 4.25 -71.42 -36.74
CA ARG D 323 3.00 -74.27 -34.56
CA VAL D 324 2.05 -74.18 -30.87
CA TYR D 325 2.09 -77.62 -29.26
CA GLU D 326 1.36 -78.22 -25.58
CA GLY D 327 1.49 -81.93 -24.59
CA GLY E 7 5.51 0.17 50.86
CA SER E 8 8.43 -2.07 49.76
CA CYS E 9 9.07 0.34 46.86
CA PRO E 10 8.61 -1.74 43.63
CA ARG E 11 11.35 -3.78 41.97
CA PRO E 12 12.59 -1.68 39.03
CA GLN E 13 13.88 -2.27 35.47
CA GLN E 14 15.70 -5.58 35.02
CA VAL E 15 18.49 -4.15 32.83
CA PRO E 16 21.51 -6.38 31.95
CA ARG E 17 24.38 -5.77 34.38
CA LEU E 18 27.14 -3.71 32.79
CA LEU E 19 30.36 -5.00 34.23
CA VAL E 20 32.54 -2.13 32.84
CA LYS E 21 32.79 0.00 29.69
CA GLY E 22 35.99 1.33 28.11
CA GLY E 23 38.47 0.30 25.42
CA ILE E 24 40.22 -3.02 24.61
CA GLU E 25 42.04 -3.06 28.01
CA VAL E 26 38.74 -4.11 29.66
CA LEU E 27 38.83 -7.62 28.06
CA ASP E 28 42.16 -8.39 29.74
CA VAL E 29 40.75 -8.49 33.30
CA LYS E 30 38.73 -11.63 34.20
CA SER E 31 35.74 -11.21 31.90
CA GLY E 32 33.76 -14.23 33.01
CA PRO E 33 32.51 -17.56 31.56
CA ASP E 34 29.35 -16.69 29.59
CA SER E 35 30.03 -12.98 30.08
CA ILE E 36 29.47 -10.72 27.08
CA THR E 37 31.58 -8.21 25.20
CA THR E 38 30.45 -5.39 22.92
CA ILE E 39 33.03 -3.70 20.70
CA GLU E 40 32.22 -0.48 18.89
CA ALA E 41 34.87 0.39 16.30
CA TYR E 42 35.09 1.58 12.71
CA LEU E 43 37.05 1.58 9.47
CA GLN E 44 37.87 4.70 7.59
CA PRO E 45 37.42 3.93 3.86
CA ARG E 46 40.63 3.89 1.78
CA PRO E 47 39.98 4.11 -2.01
CA GLY E 48 42.62 6.24 -3.77
CA GLN E 49 44.68 8.55 -1.51
CA LYS E 50 44.81 9.49 2.18
CA ASN E 51 41.88 11.89 1.71
CA GLY E 52 38.75 9.64 1.28
CA TYR E 53 38.67 10.10 -2.51
CA SER E 54 40.08 8.35 -5.54
CA THR E 55 43.02 10.59 -6.51
CA VAL E 56 42.67 11.70 -10.15
CA ILE E 57 41.15 9.24 -12.66
CA THR E 58 43.92 7.47 -14.56
CA VAL E 59 42.26 7.12 -17.95
CA GLN E 60 44.00 4.51 -20.08
CA ALA E 61 45.58 5.14 -23.47
CA GLU E 62 43.55 2.77 -25.69
CA GLY E 63 42.70 -0.97 -25.81
CA TYR E 64 46.30 -2.25 -25.66
CA GLN E 65 47.25 0.34 -22.97
CA ASP E 66 45.50 0.56 -19.62
CA ALA E 67 47.51 2.21 -16.83
CA PRO E 68 45.50 2.02 -13.54
CA HIS E 69 47.81 4.11 -11.30
CA SER E 70 47.30 2.85 -7.71
CA THR E 71 46.11 6.14 -6.16
CA GLU E 72 43.18 5.93 -8.66
CA VAL E 73 41.87 2.53 -7.44
CA PRO E 74 39.35 2.05 -4.61
CA CYS E 75 40.67 -0.79 -2.41
CA TYR E 76 39.40 -3.26 0.19
CA SER E 77 39.60 -1.90 3.76
CA CYS E 78 39.97 -4.07 6.89
CA ALA E 79 41.57 -4.63 10.33
CA ARG E 80 41.89 -7.30 13.00
CA ILE E 81 40.65 -6.93 16.58
CA PRO E 82 43.10 -8.61 19.02
CA LEU E 83 40.87 -10.23 21.63
CA PRO E 84 42.69 -11.83 24.62
CA THR E 85 43.28 -15.60 24.66
CA ILE E 86 41.30 -17.37 27.38
CA ASN E 87 41.25 -21.16 27.33
CA ASP E 88 43.58 -23.20 29.58
CA ASP E 89 43.90 -26.70 28.07
CA ILE E 90 40.92 -28.49 29.69
CA THR E 91 42.25 -31.57 27.92
CA CYS E 92 38.71 -32.87 27.00
CA PRO E 93 39.51 -31.16 23.69
CA THR E 94 37.09 -28.69 25.30
CA LEU E 95 38.31 -25.53 23.84
CA LEU E 96 36.82 -22.07 24.44
CA MET E 97 37.26 -19.35 21.82
CA TRP E 98 35.69 -16.02 20.87
CA GLU E 99 32.44 -16.08 18.96
CA ALA E 100 30.95 -13.22 16.92
CA VAL E 101 27.16 -13.28 17.14
CA SER E 102 25.59 -10.01 16.09
CA VAL E 103 26.80 -6.81 14.47
CA LYS E 104 25.41 -3.36 13.94
CA THR E 105 27.12 -1.42 11.19
CA GLU E 106 26.43 1.93 9.57
CA VAL E 107 28.00 4.02 6.88
CA VAL E 108 28.18 7.49 8.38
CA GLY E 109 28.22 10.93 6.81
CA VAL E 110 25.69 10.22 4.03
CA SER E 111 24.79 13.83 4.95
CA SER E 112 28.27 14.81 3.62
CA ILE E 113 26.91 14.47 0.05
CA LEU E 114 24.75 17.55 0.85
CA ASN E 115 27.65 19.91 0.02
CA MET E 116 27.81 20.96 -3.62
CA HIS E 117 31.17 21.05 -5.41
CA SER E 118 32.99 20.78 -8.72
CA GLY E 119 31.25 20.73 -12.20
CA ALA E 120 28.14 22.86 -11.72
CA PHE E 121 24.44 22.20 -12.34
CA ARG E 122 24.57 24.64 -15.25
CA ALA E 123 27.86 24.80 -17.16
CA PHE E 124 27.02 27.47 -19.77
CA ASN E 125 27.01 30.39 -17.39
CA GLY E 126 28.83 28.04 -14.88
CA TYR E 127 25.86 28.16 -12.52
CA GLY E 128 23.57 26.23 -10.18
CA GLY E 129 25.29 23.99 -7.65
CA GLY E 130 28.58 22.09 -7.58
CA PHE E 131 27.00 18.86 -8.93
CA THR E 132 27.14 16.39 -6.03
CA ILE E 133 28.44 12.84 -5.90
CA CYS E 134 26.85 10.31 -8.25
CA GLY E 135 27.61 7.24 -10.38
CA PRO E 136 28.16 3.56 -9.52
CA ARG E 137 28.11 2.63 -5.82
CA ILE E 138 29.33 -0.38 -3.84
CA HIS E 139 29.10 -1.30 -0.22
CA PHE E 140 30.04 -4.73 1.10
CA PHE E 141 31.70 -6.02 4.22
CA SER E 142 32.35 -9.10 6.28
CA VAL E 143 33.02 -10.18 9.86
CA GLY E 144 35.01 -13.36 10.56
CA GLY E 145 37.31 -15.38 12.74
CA GLU E 146 39.95 -15.51 10.02
CA PRO E 147 40.66 -13.11 7.06
CA LEU E 148 38.28 -12.49 4.20
CA ASP E 149 38.60 -15.25 1.58
CA LEU E 150 38.41 -13.54 -1.80
CA GLN E 151 38.76 -14.58 -5.42
CA ALA E 152 39.42 -11.93 -8.01
CA CYS E 153 38.07 -11.41 -11.50
CA MET E 154 38.75 -8.39 -13.69
CA GLN E 155 37.23 -6.55 -16.65
CA ASN E 156 40.40 -6.71 -18.81
CA SER E 157 43.04 -9.34 -17.92
CA LYS E 158 45.53 -7.18 -19.94
CA THR E 159 45.38 -4.28 -17.40
CA VAL E 160 48.69 -2.60 -16.47
CA TYR E 161 48.15 -2.85 -12.68
CA PRO E 162 51.26 -3.63 -10.54
CA ALA E 163 51.27 -6.72 -8.27
CA PRO E 164 47.83 -7.68 -9.83
CA LEU E 165 46.34 -11.13 -9.53
CA ILE E 166 49.95 -11.63 -10.67
CA GLY E 167 51.02 -10.13 -7.32
CA PRO E 168 49.68 -13.47 -5.87
CA GLY E 169 49.86 -15.69 -8.99
CA GLU E 170 53.41 -14.93 -10.24
CA GLY E 171 51.98 -15.52 -13.74
CA GLU E 172 50.09 -12.85 -15.71
CA ARG E 173 46.29 -12.69 -15.75
CA ARG E 174 44.50 -14.73 -18.43
CA GLU E 175 41.01 -14.68 -20.00
CA THR E 176 39.88 -16.96 -17.10
CA ALA E 177 40.55 -14.16 -14.52
CA GLN E 178 38.38 -12.10 -16.80
CA VAL E 179 35.50 -14.52 -15.95
CA LEU E 180 36.42 -16.84 -13.02
CA ASP E 181 39.90 -18.00 -12.37
CA THR E 182 39.60 -20.57 -9.60
CA GLY E 183 43.38 -20.08 -9.22
CA TYR E 184 43.03 -16.29 -8.70
CA LYS E 185 42.08 -16.53 -5.02
CA ALA E 186 43.89 -14.77 -2.22
CA ARG E 187 43.24 -13.67 1.35
CA LEU E 188 42.85 -10.26 2.83
CA ASP E 189 46.17 -10.30 4.45
CA LYS E 190 46.82 -6.67 3.63
CA ASP E 191 44.70 -3.55 3.91
CA GLY E 192 43.83 -0.61 1.70
CA LEU E 193 45.69 -2.95 -0.60
CA TYR E 194 43.49 -5.24 -2.73
CA PRO E 195 41.66 -2.95 -5.15
CA ILE E 196 37.96 -3.80 -5.20
CA GLU E 197 38.21 -3.46 -8.98
CA CYS E 198 39.74 -6.97 -8.76
CA TRP E 199 39.00 -8.90 -5.51
CA CYS E 200 35.53 -10.15 -4.68
CA PRO E 201 34.31 -12.12 -1.62
CA ASP E 202 34.82 -15.65 -2.86
CA PRO E 203 32.11 -18.14 -1.80
CA ALA E 204 34.97 -20.45 -0.78
CA LYS E 205 32.81 -23.54 -0.16
CA ASN E 206 33.83 -23.10 3.55
CA GLU E 207 33.69 -19.79 5.44
CA ASN E 208 33.98 -18.36 8.95
CA THR E 209 33.23 -14.81 7.75
CA ARG E 210 29.83 -13.20 7.11
CA TYR E 211 29.99 -10.84 4.15
CA TYR E 212 27.37 -8.98 2.16
CA GLY E 213 27.11 -5.93 0.00
CA ASN E 214 25.85 -4.95 -3.45
CA LEU E 215 26.87 -3.33 -6.69
CA THR E 216 24.95 -0.33 -8.05
CA GLY E 217 26.30 0.35 -11.55
CA GLY E 218 25.79 3.48 -13.59
CA PRO E 219 27.10 6.98 -14.53
CA GLU E 220 24.63 9.28 -12.71
CA THR E 221 22.99 6.57 -10.57
CA PRO E 222 21.93 8.63 -7.52
CA PRO E 223 23.41 7.70 -4.10
CA VAL E 224 21.29 6.27 -1.26
CA LEU E 225 22.03 5.19 2.32
CA ALA E 226 20.46 3.96 5.57
CA PHE E 227 21.03 5.97 8.75
CA THR E 228 20.34 3.96 11.89
CA ASN E 229 20.83 2.95 15.46
CA THR E 230 18.21 0.15 15.91
CA THR E 231 19.40 -2.63 13.57
CA THR E 232 21.46 -5.63 14.63
CA THR E 233 22.51 -8.40 12.22
CA ILE E 234 23.15 -12.07 12.96
CA LEU E 235 26.66 -13.30 12.38
CA LEU E 236 25.30 -16.54 13.88
CA ASP E 237 25.47 -19.15 11.20
CA GLU E 238 23.09 -21.88 10.04
CA ASN E 239 23.72 -23.98 13.19
CA GLY E 240 23.72 -21.07 15.69
CA VAL E 241 27.54 -20.81 15.68
CA GLY E 242 28.34 -17.56 13.90
CA PRO E 243 32.07 -16.81 13.48
CA LEU E 244 34.75 -18.08 15.83
CA CYS E 245 38.10 -16.30 15.97
CA LYS E 246 40.66 -18.68 14.40
CA GLY E 247 43.44 -17.33 16.61
CA ASP E 248 42.14 -14.57 18.94
CA GLY E 249 41.41 -12.40 15.89
CA LEU E 250 38.20 -10.59 14.90
CA PHE E 251 38.08 -9.58 11.23
CA LEU E 252 36.15 -6.60 9.99
CA SER E 253 36.22 -5.67 6.40
CA ALA E 254 34.25 -3.50 3.97
CA ALA E 255 34.08 -0.90 1.21
CA ASP E 256 31.76 2.06 0.73
CA VAL E 257 31.89 3.80 -2.64
CA ALA E 258 29.22 6.53 -2.78
CA GLY E 259 30.31 7.23 -6.40
CA THR E 260 32.43 10.04 -8.03
CA TYR E 261 32.86 13.83 -7.53
CA VAL E 262 33.68 15.73 -10.76
CA ASP E 263 35.61 18.96 -11.74
CA GLN E 264 37.06 21.38 -14.10
CA ARG E 265 37.36 18.66 -16.74
CA GLY E 266 35.89 15.13 -16.54
CA ARG E 267 38.28 14.33 -13.63
CA GLN E 268 36.12 11.88 -11.68
CA TYR E 269 37.75 10.82 -8.33
CA TRP E 270 35.09 8.89 -6.42
CA ARG E 271 34.39 9.30 -2.70
CA GLY E 272 33.90 6.83 0.13
CA LEU E 273 32.48 6.86 3.64
CA PRO E 274 33.69 5.26 6.94
CA ARG E 275 31.86 2.42 8.66
CA TYR E 276 30.78 1.65 12.25
CA PHE E 277 31.01 -1.89 13.69
CA SER E 278 29.21 -2.98 16.89
CA ILE E 279 30.39 -6.54 17.40
CA GLN E 280 28.69 -8.51 20.13
CA LEU E 281 30.57 -11.72 20.94
CA ARG E 282 30.67 -14.50 23.52
CA LYS E 283 32.84 -17.26 25.01
CA ARG E 284 31.89 -20.42 23.12
CA ASN E 285 32.93 -23.98 23.90
CA VAL E 286 34.46 -25.95 21.06
CA ARG E 287 36.30 -29.23 20.69
CA ASN E 288 39.87 -29.54 19.42
CA PRO E 289 39.32 -31.36 16.08
CA TYR E 290 43.06 -32.07 16.07
CA PRO E 291 45.53 -34.66 17.35
CA VAL E 292 48.23 -33.65 19.89
CA SER E 293 50.78 -35.31 17.56
CA GLY E 294 49.89 -33.15 14.53
CA LEU E 295 49.69 -30.04 16.76
CA LEU E 296 53.23 -30.63 18.12
CA ASN E 297 54.73 -31.49 14.70
CA SER E 298 52.70 -28.59 13.17
CA LEU E 299 54.27 -26.45 15.93
CA PHE E 300 57.82 -27.91 15.60
CA ASN E 301 57.75 -28.08 11.80
CA ASP E 302 57.11 -24.31 11.81
CA LEU E 303 60.24 -23.73 14.00
CA MET E 304 62.60 -25.68 11.73
CA PRO E 305 63.86 -23.58 8.78
CA ARG E 306 63.25 -25.26 5.43
CA MET E 307 66.02 -27.54 4.25
CA THR E 308 67.10 -28.07 0.68
CA GLY E 309 69.64 -30.94 1.05
CA GLN E 310 69.93 -34.21 -0.86
CA SER E 311 66.87 -36.26 -1.83
CA MET E 312 65.92 -38.54 1.08
CA GLN E 313 62.93 -39.49 -1.09
CA GLY E 314 61.86 -38.51 -4.62
CA SER E 315 63.25 -40.10 -7.81
CA ASP E 316 66.96 -40.02 -6.89
CA ALA E 317 66.52 -41.00 -3.21
CA GLN E 318 69.94 -41.61 -1.64
CA VAL E 319 67.86 -44.16 0.35
CA GLU E 320 69.07 -47.57 -0.82
CA GLU E 321 66.77 -49.52 1.56
CA VAL E 322 64.44 -49.64 4.56
CA ARG E 323 63.10 -52.47 6.73
CA VAL E 324 60.97 -52.81 9.84
CA TYR E 325 61.10 -55.63 12.37
CA GLU E 326 59.08 -56.20 15.50
CA GLY E 327 58.86 -60.00 15.81
CA MET E 328 61.24 -62.93 16.35
CA GLU E 329 61.30 -65.77 13.83
CA GLY E 330 63.86 -68.59 13.76
CA LEU E 331 66.94 -67.79 11.61
CA ALA E 332 65.41 -67.70 8.12
CA PRO E 333 67.52 -69.62 5.53
CA GLU E 334 67.86 -66.74 3.05
CA ILE E 335 69.14 -63.61 4.78
CA ASP E 336 68.90 -61.44 1.64
CA MET E 337 65.28 -62.61 1.63
CA PRO E 338 62.56 -60.00 0.99
CA PRO E 339 59.32 -59.71 2.97
CA LYS E 340 56.50 -57.37 1.94
CA ALA E 341 53.12 -57.30 3.71
CA PRO E 342 51.75 -56.63 0.20
CA ARG E 343 48.18 -55.62 1.12
CA SER F 8 -81.93 1.04 47.58
CA CYS F 9 -84.85 2.10 45.32
CA PRO F 10 -84.53 2.47 41.43
CA ARG F 11 -81.14 2.43 39.74
CA PRO F 12 -80.96 4.51 36.52
CA GLN F 13 -79.02 3.09 33.56
CA GLN F 14 -75.24 3.53 33.50
CA VAL F 15 -74.08 6.23 31.12
CA PRO F 16 -70.47 7.48 30.50
CA ARG F 17 -70.09 10.00 33.33
CA LEU F 18 -69.13 13.40 31.94
CA LEU F 19 -66.27 14.99 33.89
CA VAL F 20 -66.29 18.54 32.43
CA LYS F 21 -67.49 20.27 29.26
CA GLY F 22 -66.46 23.65 27.81
CA GLY F 23 -63.69 24.85 25.49
CA ILE F 24 -60.29 23.38 24.58
CA GLU F 25 -58.97 24.14 28.11
CA VAL F 26 -61.33 21.38 29.38
CA LEU F 27 -58.68 19.15 27.78
CA ASP F 28 -56.19 20.34 30.38
CA VAL F 29 -58.00 18.44 33.16
CA LYS F 30 -55.74 15.44 33.89
CA SER F 31 -58.12 13.20 31.85
CA GLY F 32 -57.23 9.68 32.98
CA PRO F 33 -56.37 6.75 30.61
CA ASP F 34 -59.77 5.65 29.28
CA SER F 35 -61.12 9.20 29.52
CA ILE F 36 -62.61 10.27 26.21
CA THR F 37 -62.95 13.64 24.56
CA THR F 38 -65.67 14.93 22.26
CA ILE F 39 -64.49 17.98 20.31
CA GLU F 40 -66.96 19.85 18.13
CA ALA F 41 -65.46 22.43 15.83
CA TYR F 42 -66.23 23.44 12.26
CA LEU F 43 -64.62 25.03 9.25
CA GLN F 44 -66.18 27.83 7.31
CA PRO F 45 -65.97 27.27 3.54
CA ARG F 46 -63.15 29.53 2.36
CA PRO F 47 -63.60 29.38 -1.46
CA GLY F 48 -63.16 32.73 -3.22
CA GLN F 49 -63.77 35.84 -1.07
CA LYS F 50 -64.61 36.44 2.62
CA ASN F 51 -67.66 34.54 3.89
CA GLY F 52 -68.45 31.92 1.40
CA TYR F 53 -68.82 32.91 -2.27
CA SER F 54 -66.54 32.76 -5.31
CA THR F 55 -65.98 36.50 -5.95
CA VAL F 56 -66.57 36.93 -9.70
CA ILE F 57 -66.18 34.28 -12.38
CA THR F 58 -62.93 35.26 -14.08
CA VAL F 59 -63.06 33.66 -17.52
CA GLN F 60 -60.08 32.93 -19.77
CA ALA F 61 -59.37 34.87 -22.99
CA GLU F 62 -58.54 32.05 -25.45
CA GLY F 63 -56.97 28.53 -25.47
CA TYR F 64 -53.64 30.41 -24.91
CA GLN F 65 -54.78 32.73 -22.10
CA ASP F 66 -56.41 31.43 -18.94
CA ALA F 67 -56.06 33.87 -16.03
CA PRO F 68 -57.75 32.29 -12.94
CA HIS F 69 -57.84 35.21 -10.43
CA SER F 70 -57.27 34.01 -6.83
CA THR F 71 -60.83 35.03 -5.78
CA GLU F 72 -62.46 32.91 -8.51
CA VAL F 73 -60.64 29.84 -7.16
CA PRO F 74 -62.31 27.95 -4.29
CA CYS F 75 -59.56 26.49 -2.09
CA TYR F 76 -59.12 23.70 0.46
CA SER F 77 -60.28 24.60 3.97
CA CYS F 78 -58.46 23.08 6.99
CA ALA F 79 -57.38 23.59 10.59
CA ARG F 80 -55.52 21.86 13.43
CA ILE F 81 -56.75 21.08 16.94
CA PRO F 82 -53.80 21.49 19.36
CA LEU F 83 -54.33 18.75 21.94
CA PRO F 84 -52.62 18.28 25.35
CA THR F 85 -49.59 16.04 25.90
CA ILE F 86 -50.09 12.54 27.26
CA ASN F 87 -47.81 10.31 29.37
CA ASP F 88 -44.65 8.63 28.22
CA ASP F 89 -42.63 5.77 29.70
CA ILE F 90 -39.35 5.92 27.76
CA THR F 91 -38.29 3.57 30.58
CA CYS F 92 -40.50 0.63 29.55
CA PRO F 93 -40.34 2.23 26.07
CA THR F 94 -43.83 3.39 25.09
CA LEU F 95 -45.89 6.50 24.42
CA LEU F 96 -49.61 7.17 24.88
CA MET F 97 -51.16 9.51 22.30
CA TRP F 98 -54.38 11.00 20.94
CA GLU F 99 -56.13 8.62 18.57
CA ALA F 100 -59.05 9.82 16.42
CA VAL F 101 -61.78 7.17 16.41
CA SER F 102 -65.18 8.26 15.12
CA VAL F 103 -66.49 11.54 13.73
CA LYS F 104 -69.86 13.04 13.04
CA THR F 105 -69.67 15.67 10.36
CA GLU F 106 -72.45 17.71 8.77
CA VAL F 107 -72.56 20.56 6.29
CA VAL F 108 -75.02 23.20 7.42
CA GLY F 109 -77.48 25.64 5.92
CA VAL F 110 -78.69 23.61 2.92
CA SER F 111 -81.80 25.60 3.99
CA SER F 112 -79.92 28.71 2.68
CA ILE F 113 -80.58 27.52 -0.92
CA LEU F 114 -84.27 28.50 -0.48
CA ASN F 115 -83.84 32.31 -0.65
CA MET F 116 -81.31 32.70 -3.47
CA HIS F 117 -81.11 35.23 -6.28
CA SER F 118 -79.87 34.80 -9.84
CA GLY F 119 -81.10 35.82 -13.33
CA ALA F 120 -84.83 35.25 -12.97
CA PHE F 121 -86.61 32.01 -13.99
CA ARG F 122 -88.23 34.07 -16.68
CA ALA F 123 -85.64 36.31 -18.33
CA PHE F 124 -87.93 38.05 -20.85
CA ASN F 125 -90.15 39.90 -18.45
CA GLY F 126 -87.46 39.34 -15.77
CA TYR F 127 -89.80 37.19 -13.66
CA GLY F 128 -90.19 34.03 -11.58
CA GLY F 129 -87.49 33.51 -8.98
CA GLY F 130 -83.89 34.63 -8.57
CA PHE F 131 -82.65 31.22 -9.91
CA THR F 132 -81.43 29.26 -6.89
CA ILE F 133 -77.95 27.77 -6.83
CA CYS F 134 -77.25 24.92 -9.19
CA GLY F 135 -74.24 23.53 -11.05
CA PRO F 136 -71.35 21.18 -10.22
CA ARG F 137 -70.92 20.40 -6.51
CA ILE F 138 -68.08 18.97 -4.40
CA HIS F 139 -67.83 18.05 -0.77
CA PHE F 140 -64.80 16.26 0.61
CA PHE F 141 -63.16 16.25 4.01
CA SER F 142 -60.76 14.28 6.19
CA VAL F 143 -59.63 13.73 9.76
CA GLY F 144 -55.88 13.15 10.07
CA GLY F 145 -53.11 13.13 12.63
CA GLU F 146 -50.88 15.15 10.27
CA PRO F 147 -51.73 17.42 7.27
CA LEU F 148 -53.62 15.83 4.42
CA ASP F 149 -51.24 14.68 1.66
CA LEU F 150 -52.18 16.03 -1.77
CA GLN F 151 -51.51 15.19 -5.38
CA ALA F 152 -52.51 17.81 -7.89
CA CYS F 153 -53.62 17.15 -11.43
CA MET F 154 -55.21 19.81 -13.61
CA GLN F 155 -56.98 20.47 -16.93
CA ASN F 156 -54.97 22.93 -19.13
CA SER F 157 -51.44 22.66 -17.76
CA LYS F 158 -50.83 26.18 -19.13
CA THR F 159 -53.47 27.97 -16.93
CA VAL F 160 -51.90 31.25 -15.70
CA TYR F 161 -52.10 30.58 -11.96
CA PRO F 162 -49.13 31.81 -9.78
CA ALA F 163 -47.63 29.55 -7.10
CA PRO F 164 -49.48 26.61 -8.90
CA LEU F 165 -48.03 23.17 -8.78
CA ILE F 166 -45.19 25.62 -9.73
CA GLY F 167 -45.58 27.17 -6.25
CA PRO F 168 -44.09 23.88 -4.98
CA GLY F 169 -42.89 22.23 -8.27
CA GLU F 170 -40.14 24.88 -8.58
CA GLY F 171 -40.63 24.52 -12.36
CA GLU F 172 -43.84 24.97 -14.36
CA ARG F 173 -46.89 22.99 -15.45
CA ARG F 174 -46.34 19.95 -17.70
CA GLU F 175 -48.76 17.58 -19.49
CA THR F 176 -47.81 14.98 -16.83
CA ALA F 177 -49.28 17.29 -14.09
CA GLN F 178 -52.30 17.49 -16.22
CA VAL F 179 -52.94 13.76 -15.67
CA LEU F 180 -50.79 12.55 -12.72
CA ASP F 181 -47.48 13.94 -11.69
CA THR F 182 -46.03 11.74 -8.97
CA GLY F 183 -43.85 14.86 -8.44
CA TYR F 184 -46.86 17.22 -8.02
CA LYS F 185 -47.38 16.06 -4.43
CA ALA F 186 -48.08 18.70 -1.81
CA ARG F 187 -48.95 18.72 1.88
CA LEU F 188 -51.81 20.63 3.36
CA ASP F 189 -49.56 22.92 5.34
CA LYS F 190 -51.58 26.07 4.46
CA ASP F 191 -55.32 26.83 4.21
CA GLY F 192 -57.67 28.64 1.87
CA LEU F 193 -54.59 28.48 -0.36
CA TYR F 194 -54.45 25.09 -2.13
CA PRO F 195 -57.38 25.42 -4.53
CA ILE F 196 -59.55 22.34 -4.87
CA GLU F 197 -59.42 23.01 -8.60
CA CYS F 198 -55.86 21.58 -8.57
CA TRP F 199 -55.12 19.61 -5.39
CA CYS F 200 -56.58 16.24 -4.49
CA PRO F 201 -56.28 13.78 -1.56
CA ASP F 202 -53.33 11.70 -2.73
CA PRO F 203 -53.59 7.98 -1.90
CA ALA F 204 -50.02 7.95 -0.57
CA LYS F 205 -48.64 4.44 -0.07
CA ASN F 206 -49.44 4.98 3.65
CA GLU F 207 -51.73 7.50 5.35
CA ASN F 208 -52.84 8.59 8.82
CA THR F 209 -55.75 10.65 7.49
CA ARG F 210 -59.20 9.33 6.51
CA TYR F 211 -61.00 11.22 3.74
CA TYR F 212 -63.98 11.20 1.40
CA GLY F 213 -66.21 13.28 -0.80
CA ASN F 214 -67.53 13.13 -4.37
CA LEU F 215 -67.50 15.23 -7.50
CA THR F 216 -70.88 15.98 -9.05
CA GLY F 217 -70.17 17.61 -12.39
CA GLY F 218 -72.71 19.49 -14.47
CA PRO F 219 -73.98 23.03 -15.36
CA GLU F 220 -77.59 22.94 -14.04
CA THR F 221 -76.95 20.00 -11.66
CA PRO F 222 -79.34 20.46 -8.68
CA PRO F 223 -77.74 20.65 -5.16
CA VAL F 224 -78.49 17.82 -2.70
CA LEU F 225 -77.58 17.51 1.02
CA ALA F 226 -77.86 15.52 4.26
CA PHE F 227 -79.37 17.39 7.21
CA THR F 228 -78.71 14.96 10.05
CA ASN F 229 -77.64 14.55 13.62
CA THR F 230 -78.00 10.74 14.04
CA THR F 231 -74.92 9.00 12.59
CA THR F 232 -71.20 8.68 13.34
CA THR F 233 -68.29 7.60 11.08
CA ILE F 234 -65.27 5.47 11.90
CA LEU F 235 -61.83 6.96 11.57
CA LEU F 236 -60.68 3.51 12.80
CA ASP F 237 -58.40 1.88 10.33
CA GLU F 238 -58.24 -1.74 9.18
CA ASN F 239 -56.38 -2.80 12.36
CA GLY F 240 -58.63 -0.71 14.65
CA VAL F 241 -56.55 2.43 15.21
CA GLY F 242 -57.93 5.28 13.13
CA PRO F 243 -55.69 8.38 13.10
CA LEU F 244 -53.14 9.08 15.81
CA CYS F 245 -52.07 12.68 16.33
CA LYS F 246 -48.42 13.32 15.40
CA GLY F 247 -47.29 16.09 17.70
CA ASP F 248 -50.66 16.46 19.45
CA GLY F 249 -52.43 17.67 16.33
CA LEU F 250 -55.85 16.77 15.04
CA PHE F 251 -56.22 17.78 11.39
CA LEU F 252 -59.59 18.63 9.93
CA SER F 253 -59.91 19.46 6.34
CA ALA F 254 -62.76 19.86 3.78
CA ALA F 255 -64.65 21.83 1.12
CA ASP F 256 -68.30 22.09 0.14
CA VAL F 257 -69.05 23.72 -3.21
CA ALA F 258 -72.83 23.79 -3.70
CA GLY F 259 -72.50 25.25 -7.23
CA THR F 260 -72.80 28.48 -9.25
CA TYR F 261 -74.87 31.51 -8.17
CA VAL F 262 -75.57 33.73 -11.19
CA ASP F 263 -76.32 37.40 -12.07
CA GLN F 264 -77.08 40.02 -14.49
CA ARG F 265 -74.89 38.53 -17.21
CA GLY F 266 -73.18 35.13 -16.64
CA ARG F 267 -71.09 35.83 -13.51
CA GLN F 268 -71.52 32.28 -12.16
CA TYR F 269 -69.62 33.10 -8.93
CA TRP F 270 -70.48 30.03 -6.88
CA ARG F 271 -71.04 29.27 -3.18
CA GLY F 272 -70.02 26.85 -0.48
CA LEU F 273 -71.26 25.85 2.97
CA PRO F 274 -69.53 25.35 6.38
CA ARG F 275 -68.95 21.92 7.92
CA TYR F 276 -69.20 20.71 11.54
CA PHE F 277 -67.01 18.05 13.15
CA SER F 278 -67.48 15.98 16.30
CA ILE F 279 -64.32 13.91 16.73
CA GLN F 280 -64.45 11.28 19.43
CA LEU F 281 -60.90 10.28 20.31
CA ARG F 282 -59.10 8.21 22.93
CA LYS F 283 -55.68 7.87 24.58
CA ARG F 284 -53.74 4.93 23.05
CA ASN F 285 -50.35 3.52 24.02
CA VAL F 286 -48.00 3.02 21.08
CA ARG F 287 -44.36 2.00 21.01
CA ASN F 288 -42.19 5.12 20.81
CA PRO F 289 -41.11 5.42 17.14
CA TYR F 290 -37.97 7.14 18.48
CA PRO F 291 -34.35 6.95 19.63
CA VAL F 292 -34.17 9.71 22.33
CA SER F 293 -30.36 9.95 21.90
CA GLY F 294 -31.31 10.95 18.32
CA LEU F 295 -30.68 14.34 20.00
CA LEU F 296 -27.16 13.11 20.88
CA ASN F 297 -26.96 12.36 17.15
CA SER F 298 -28.46 15.87 16.75
CA LEU F 299 -25.53 17.03 18.95
CA PHE F 300 -22.98 15.35 16.69
CA ASN F 301 -24.50 16.91 13.57
CA ASP F 302 -24.19 20.34 15.23
CA LEU F 303 -20.49 20.03 16.16
CA MET F 304 -20.16 18.55 12.64
CA PRO F 305 -19.92 21.30 9.96
CA ARG F 306 -22.17 21.09 6.88
CA MET F 307 -21.19 21.16 3.18
CA THR F 308 -22.02 19.25 0.00
CA GLY F 309 -19.15 17.02 -1.31
CA GLN F 310 -20.06 14.43 -3.97
CA SER F 311 -23.46 12.73 -4.26
CA MET F 312 -23.71 9.71 -1.96
CA GLN F 313 -27.50 9.73 -2.39
CA GLY F 314 -29.83 11.33 -4.97
CA SER F 315 -30.18 10.61 -8.70
CA ASP F 316 -26.46 10.40 -9.57
CA ALA F 317 -25.23 8.81 -6.33
CA GLN F 318 -21.74 7.40 -6.77
CA VAL F 319 -22.76 4.43 -4.66
CA GLU F 320 -22.19 1.48 -6.97
CA GLU F 321 -23.74 -1.04 -4.57
CA VAL F 322 -24.79 -2.05 -1.05
CA ARG F 323 -25.45 -5.36 0.67
CA VAL F 324 -26.37 -6.56 4.13
CA TYR F 325 -25.54 -9.88 5.78
CA GLU F 326 -26.90 -11.09 9.10
CA GLY F 327 -26.92 -14.87 8.63
CA MET F 328 -24.86 -17.85 7.50
CA GLU F 329 -26.29 -19.64 4.48
CA GLY F 330 -24.56 -22.61 2.82
CA LEU F 331 -22.48 -21.47 -0.19
CA ALA F 332 -25.21 -20.70 -2.70
CA PRO F 333 -24.64 -21.48 -6.42
CA GLU F 334 -25.09 -18.24 -8.43
CA ILE F 335 -25.94 -15.84 -5.58
CA ASP F 336 -27.29 -13.39 -8.22
CA MET F 337 -29.93 -15.19 -10.31
CA PRO F 338 -33.52 -14.22 -9.46
CA PRO F 339 -36.73 -13.04 -11.40
CA LYS F 340 -35.91 -13.18 -15.09
CA ALA F 341 -37.52 -10.65 -17.43
CA PRO F 342 -35.91 -8.64 -20.30
#